data_7YRF
#
_entry.id   7YRF
#
_cell.length_a   1.00
_cell.length_b   1.00
_cell.length_c   1.00
_cell.angle_alpha   90.00
_cell.angle_beta   90.00
_cell.angle_gamma   90.00
#
_symmetry.space_group_name_H-M   'P 1'
#
loop_
_entity.id
_entity.type
_entity.pdbx_description
1 polymer 'Genome polyprotein'
2 polymer 'Light chain of chain'
3 polymer 'Genome polyprotein'
4 polymer 'The heavy chain of the antibody 8C4'
5 polymer 'Capsid protein VP3'
6 non-polymer SPHINGOSINE
#
loop_
_entity_poly.entity_id
_entity_poly.type
_entity_poly.pdbx_seq_one_letter_code
_entity_poly.pdbx_strand_id
1 'polypeptide(L)'
;HSTQETAIGNFFSRAGLVSIITMPTMGTQNTDGYANWDIDLMGYAQLRRKCELFTYMRFDAEFTFVVAKPNGELVPQLLQ
YMYVPPGAPKPTSRDSFAWQTATNPSVFVKMTDPPAQVSVPFMSPASAYQWFYDGYPTFGEHLQANDLDYGQCPNNMMGT
FSIRTVGTKKSPHSITLRVYMRIKHVRAWIPRPLRNQPYLFKTNPNYKGNDIKCTSTSRDKITTL
;
A
2 'polypeptide(L)'
;DIQMTQSSSYLSVSLGGRVTITCKASDHINNWLAWYQQKPGNAPRLLISGATSLETGVPSRFSGSGSGKDYTLSITSLQT
EDVATYYCQQYWNSPYTFGGGTKLEIKRADAAPTVSIFPPSSEQLTSGGASVVCFLNNFYPKDINVKWKIDGSERQNGVL
NSWTDQDSKDSTYSMSSTLTLTKDEYERHNSYTCEATHKTSTSPIVKSFNRNEC
;
E
3 'polypeptide(L)'
;ENSNSASEGSTINYTTINYYKDAYAASAGRQDMSQDPKRFTDPVMDVIHEMAPPLKSPSAEACGYSDRVAQLTIGNSTIT
TQEAANIVIAYGEWPEYCPDTDATAVDKPTRPDVSVNRFFTLDTKSWAKDSKGWYWKFPDVLTEVGVFGQNAQFHYLYRS
GFCVHVQCNASKFHQGALLVAVLPEYVLGTIAGGTGNENSHPPYATTQPGQVGAVLTHPYVLDAGIPLSQLTVCPHQWIN
LRTNNCATIIVPYMNTVPFDSALNHCNFGLLVIPVVPLDFNAGATSEIPITVTIAPMCAEFAGLRQAVKQ
;
B
4 'polypeptide(L)'
;QVQLQQSGPELVKPGASVKISCKASGYAFSTSWMNWVIQRPGQGLEWIGRIYPGDGDTNYNGKFKGKATLTADKSSSTAY
MQLSSLTSVDSAVYFCARRDYGYFDYWGQGTTLTVSSAKTTPPSVYPLAPGCGDTTGSSVTLGCLVKGYFPESVTVTWNS
GSLSSSVHTFPALLQSGLYTMSSSVTVPSSTWPSQTVTCSVAHPASSTTVDKKL
;
F
5 'polypeptide(L)'
;GIPTELKPGTNQFLTTDDGVSAPILPGFHPTPPIHIPGEVRNLLEICRVETILEVNNLKTNETTPMQRLCFPVSVQSKTG
ELCAAFRADPGRDGPWQSTILGQLCRYYTQWSGSLEVTFMFAGSFMATGKMLIAYTPPGGSVPADRITAMLGTHVIWDFG
LQSSVTLVVPWISNTHYRAHARAGYFDYYTTGIITIWYQTNYVVPIGAPTTAYIVALAAAQDNFTMKLCKDTEDIEQTAN
IQ
;
C
#
loop_
_chem_comp.id
_chem_comp.type
_chem_comp.name
_chem_comp.formula
SPH non-polymer SPHINGOSINE 'C18 H37 N O2'
#
# COMPACT_ATOMS: atom_id res chain seq x y z
N HIS A 1 -5.22 19.61 36.37
CA HIS A 1 -4.76 18.23 36.31
C HIS A 1 -3.28 18.14 36.65
N SER A 2 -2.94 17.28 37.60
CA SER A 2 -1.57 17.14 38.05
C SER A 2 -0.82 16.11 37.20
N THR A 3 0.45 16.40 36.94
CA THR A 3 1.30 15.55 36.11
C THR A 3 2.12 14.58 36.95
N GLN A 4 1.89 14.53 38.26
CA GLN A 4 2.69 13.68 39.14
C GLN A 4 2.58 12.21 38.79
N GLU A 5 1.43 11.76 38.29
CA GLU A 5 1.24 10.36 37.95
C GLU A 5 2.07 9.91 36.74
N THR A 6 2.18 10.75 35.72
CA THR A 6 2.92 10.41 34.51
C THR A 6 4.41 10.67 34.64
N ALA A 7 4.86 11.19 35.79
CA ALA A 7 6.27 11.39 36.03
C ALA A 7 6.99 10.05 36.20
N ILE A 8 8.30 10.06 35.96
CA ILE A 8 9.10 8.84 36.09
C ILE A 8 9.28 8.37 37.52
N GLY A 9 8.99 9.24 38.50
CA GLY A 9 9.13 8.83 39.89
C GLY A 9 8.13 7.78 40.29
N ASN A 10 6.84 8.04 40.07
CA ASN A 10 5.79 7.11 40.44
C ASN A 10 5.64 5.93 39.47
N PHE A 11 6.05 6.10 38.22
CA PHE A 11 5.93 5.02 37.25
C PHE A 11 7.00 3.95 37.44
N PHE A 12 8.20 4.36 37.82
CA PHE A 12 9.30 3.42 38.05
C PHE A 12 9.31 2.81 39.45
N SER A 13 8.56 3.38 40.40
CA SER A 13 8.66 2.95 41.79
C SER A 13 7.47 2.04 42.15
N ARG A 14 7.80 0.75 42.27
CA ARG A 14 6.92 -0.26 42.84
C ARG A 14 7.62 -1.61 42.72
N ALA A 15 7.00 -2.65 43.26
CA ALA A 15 7.62 -3.97 43.29
C ALA A 15 7.31 -4.75 42.01
N GLY A 16 8.31 -5.52 41.54
CA GLY A 16 8.12 -6.39 40.41
C GLY A 16 9.02 -7.61 40.55
N LEU A 17 8.69 -8.64 39.76
CA LEU A 17 9.38 -9.92 39.91
C LEU A 17 10.57 -10.01 38.97
N VAL A 18 11.78 -9.92 39.51
CA VAL A 18 12.98 -10.03 38.71
C VAL A 18 13.60 -11.42 38.70
N SER A 19 13.21 -12.34 39.58
CA SER A 19 13.87 -13.63 39.66
C SER A 19 12.95 -14.68 40.25
N ILE A 20 13.13 -15.93 39.82
CA ILE A 20 12.43 -17.08 40.39
C ILE A 20 13.48 -18.15 40.65
N ILE A 21 13.62 -18.55 41.91
CA ILE A 21 14.63 -19.52 42.34
C ILE A 21 13.94 -20.60 43.15
N THR A 22 14.27 -21.86 42.88
CA THR A 22 13.70 -23.00 43.57
C THR A 22 14.79 -23.90 44.12
N MET A 23 14.47 -24.62 45.18
CA MET A 23 15.35 -25.62 45.78
C MET A 23 14.55 -26.89 46.04
N PRO A 24 14.30 -27.69 44.99
CA PRO A 24 13.52 -28.91 45.18
C PRO A 24 14.31 -30.00 45.89
N THR A 25 13.57 -30.93 46.49
CA THR A 25 14.21 -32.06 47.16
C THR A 25 14.63 -33.13 46.16
N MET A 26 13.81 -33.40 45.17
CA MET A 26 14.13 -34.37 44.12
C MET A 26 14.18 -33.65 42.77
N GLY A 27 15.27 -33.89 42.05
CA GLY A 27 15.55 -33.23 40.80
C GLY A 27 17.04 -33.28 40.51
N THR A 28 17.42 -32.75 39.35
CA THR A 28 18.81 -32.79 38.89
C THR A 28 19.58 -31.50 39.16
N GLN A 29 18.96 -30.49 39.78
CA GLN A 29 19.62 -29.18 39.85
C GLN A 29 19.96 -28.75 41.26
N ASN A 30 18.96 -28.28 42.01
CA ASN A 30 19.18 -27.54 43.25
C ASN A 30 19.09 -28.46 44.47
N THR A 31 18.92 -29.76 44.23
CA THR A 31 18.69 -30.74 45.28
C THR A 31 19.85 -30.86 46.27
N ASP A 32 21.01 -30.28 45.95
CA ASP A 32 22.15 -30.31 46.86
C ASP A 32 21.94 -29.47 48.10
N GLY A 33 20.88 -28.68 48.17
CA GLY A 33 20.59 -27.85 49.32
C GLY A 33 20.97 -26.39 49.19
N TYR A 34 21.59 -26.00 48.08
CA TYR A 34 22.00 -24.62 47.88
C TYR A 34 21.77 -24.24 46.43
N ALA A 35 21.78 -22.93 46.17
CA ALA A 35 21.61 -22.40 44.83
C ALA A 35 22.53 -21.21 44.62
N ASN A 36 23.19 -21.19 43.47
CA ASN A 36 24.06 -20.08 43.07
C ASN A 36 23.43 -19.44 41.85
N TRP A 37 22.92 -18.22 42.01
CA TRP A 37 22.19 -17.51 40.95
C TRP A 37 22.95 -16.25 40.59
N ASP A 38 23.49 -16.21 39.37
CA ASP A 38 24.07 -14.98 38.86
C ASP A 38 22.96 -13.96 38.67
N ILE A 39 23.27 -12.69 38.95
CA ILE A 39 22.23 -11.66 38.99
C ILE A 39 21.92 -11.23 37.56
N ASP A 40 20.69 -11.49 37.13
CA ASP A 40 20.19 -10.96 35.85
C ASP A 40 18.74 -10.59 36.05
N LEU A 41 18.38 -9.35 35.72
CA LEU A 41 17.03 -8.85 35.89
C LEU A 41 16.21 -8.91 34.61
N MET A 42 16.81 -9.35 33.50
CA MET A 42 16.16 -9.29 32.20
C MET A 42 15.48 -10.61 31.82
N GLY A 43 15.51 -11.61 32.70
CA GLY A 43 14.79 -12.84 32.45
C GLY A 43 13.29 -12.67 32.57
N TYR A 44 12.86 -11.52 33.08
CA TYR A 44 11.46 -11.18 33.25
C TYR A 44 11.05 -10.17 32.18
N ALA A 45 9.94 -10.44 31.50
CA ALA A 45 9.60 -9.71 30.28
C ALA A 45 9.00 -8.32 30.54
N GLN A 46 8.02 -8.20 31.43
CA GLN A 46 7.19 -7.00 31.44
C GLN A 46 7.93 -5.81 32.05
N LEU A 47 8.66 -6.03 33.15
CA LEU A 47 9.51 -4.97 33.69
C LEU A 47 10.67 -4.64 32.76
N ARG A 48 11.14 -5.60 31.99
CA ARG A 48 12.17 -5.33 30.98
C ARG A 48 11.67 -4.33 29.95
N ARG A 49 10.40 -4.47 29.53
CA ARG A 49 9.85 -3.53 28.56
C ARG A 49 9.74 -2.12 29.14
N LYS A 50 9.61 -2.01 30.47
CA LYS A 50 9.58 -0.70 31.10
C LYS A 50 10.96 -0.07 31.16
N CYS A 51 12.00 -0.89 31.42
CA CYS A 51 13.35 -0.36 31.53
C CYS A 51 14.00 -0.10 30.17
N GLU A 52 13.44 -0.64 29.09
CA GLU A 52 13.97 -0.42 27.75
C GLU A 52 13.45 0.86 27.11
N LEU A 53 12.60 1.62 27.81
CA LEU A 53 12.25 2.96 27.33
C LEU A 53 13.48 3.84 27.25
N PHE A 54 14.44 3.64 28.14
CA PHE A 54 15.57 4.54 28.34
C PHE A 54 16.88 3.77 28.24
N THR A 55 17.89 4.44 27.68
CA THR A 55 19.20 3.81 27.52
C THR A 55 19.95 3.79 28.84
N TYR A 56 20.32 4.96 29.36
CA TYR A 56 21.07 5.07 30.60
C TYR A 56 20.13 5.35 31.75
N MET A 57 20.32 4.64 32.85
CA MET A 57 19.42 4.75 33.99
C MET A 57 20.21 4.64 35.28
N ARG A 58 19.92 5.54 36.22
CA ARG A 58 20.60 5.59 37.50
C ARG A 58 19.54 5.58 38.59
N PHE A 59 19.65 4.62 39.52
CA PHE A 59 18.61 4.46 40.52
C PHE A 59 19.13 3.64 41.70
N ASP A 60 18.25 3.44 42.67
CA ASP A 60 18.47 2.57 43.81
C ASP A 60 17.37 1.52 43.86
N ALA A 61 17.64 0.41 44.55
CA ALA A 61 16.73 -0.72 44.55
C ALA A 61 16.44 -1.19 45.97
N GLU A 62 15.16 -1.47 46.23
CA GLU A 62 14.71 -2.12 47.46
C GLU A 62 14.16 -3.47 47.08
N PHE A 63 14.49 -4.51 47.85
CA PHE A 63 14.17 -5.88 47.50
C PHE A 63 13.21 -6.49 48.50
N THR A 64 12.46 -7.49 48.05
CA THR A 64 11.53 -8.25 48.87
C THR A 64 11.65 -9.73 48.51
N PHE A 65 11.95 -10.55 49.50
CA PHE A 65 12.20 -11.98 49.30
C PHE A 65 11.05 -12.76 49.93
N VAL A 66 10.24 -13.40 49.08
CA VAL A 66 9.10 -14.19 49.52
C VAL A 66 9.46 -15.66 49.38
N VAL A 67 9.23 -16.43 50.45
CA VAL A 67 9.56 -17.85 50.49
C VAL A 67 8.30 -18.65 50.77
N ALA A 68 8.07 -19.68 49.96
CA ALA A 68 6.94 -20.58 50.18
C ALA A 68 7.26 -21.92 49.53
N LYS A 69 6.55 -22.96 49.98
CA LYS A 69 6.67 -24.28 49.41
C LYS A 69 5.92 -24.32 48.07
N PRO A 70 6.43 -25.07 47.09
CA PRO A 70 5.80 -25.06 45.76
C PRO A 70 4.30 -25.32 45.76
N ASN A 71 3.76 -26.03 46.75
CA ASN A 71 2.32 -26.22 46.84
C ASN A 71 1.61 -25.04 47.51
N GLY A 72 2.36 -24.12 48.12
CA GLY A 72 1.81 -22.92 48.70
C GLY A 72 1.80 -22.89 50.22
N GLU A 73 2.03 -24.02 50.88
CA GLU A 73 2.01 -24.03 52.34
C GLU A 73 3.37 -23.58 52.88
N LEU A 74 3.54 -23.65 54.20
CA LEU A 74 4.73 -23.16 54.87
C LEU A 74 5.16 -24.15 55.95
N VAL A 75 6.46 -24.16 56.24
CA VAL A 75 7.03 -24.99 57.30
C VAL A 75 8.02 -24.13 58.10
N PRO A 76 8.24 -24.41 59.38
CA PRO A 76 9.22 -23.63 60.15
C PRO A 76 10.66 -23.94 59.74
N GLN A 77 11.08 -23.41 58.60
CA GLN A 77 12.41 -23.63 58.05
C GLN A 77 13.18 -22.32 58.05
N LEU A 78 14.41 -22.35 58.53
CA LEU A 78 15.27 -21.18 58.57
C LEU A 78 16.14 -21.13 57.32
N LEU A 79 16.20 -19.96 56.69
CA LEU A 79 16.94 -19.77 55.45
C LEU A 79 18.02 -18.71 55.64
N GLN A 80 19.02 -18.74 54.77
CA GLN A 80 20.13 -17.82 54.82
C GLN A 80 20.34 -17.16 53.45
N TYR A 81 20.42 -15.84 53.44
CA TYR A 81 20.71 -15.07 52.25
C TYR A 81 22.14 -14.53 52.34
N MET A 82 22.79 -14.43 51.19
CA MET A 82 24.12 -13.82 51.13
C MET A 82 24.32 -13.18 49.77
N TYR A 83 25.00 -12.04 49.75
CA TYR A 83 25.36 -11.35 48.52
C TYR A 83 26.85 -11.54 48.27
N VAL A 84 27.20 -11.94 47.05
CA VAL A 84 28.58 -12.21 46.68
C VAL A 84 29.01 -11.16 45.66
N PRO A 85 29.86 -10.20 46.03
CA PRO A 85 30.39 -9.25 45.05
C PRO A 85 31.30 -9.93 44.07
N PRO A 86 31.60 -9.32 42.92
CA PRO A 86 32.54 -9.92 41.96
C PRO A 86 33.91 -10.09 42.59
N GLY A 87 34.48 -11.29 42.46
CA GLY A 87 35.75 -11.65 43.04
C GLY A 87 35.64 -12.38 44.36
N ALA A 88 34.49 -12.27 45.03
CA ALA A 88 34.29 -12.96 46.29
C ALA A 88 34.04 -14.46 46.04
N PRO A 89 34.42 -15.32 47.00
CA PRO A 89 34.23 -16.76 46.80
C PRO A 89 32.77 -17.13 46.63
N LYS A 90 32.50 -17.95 45.61
CA LYS A 90 31.18 -18.52 45.45
C LYS A 90 31.09 -19.86 46.17
N PRO A 91 30.00 -20.10 46.89
CA PRO A 91 29.90 -21.34 47.68
C PRO A 91 29.87 -22.58 46.82
N THR A 92 30.68 -23.56 47.21
CA THR A 92 30.69 -24.88 46.57
C THR A 92 29.76 -25.88 47.24
N SER A 93 29.21 -25.54 48.41
CA SER A 93 28.33 -26.44 49.14
C SER A 93 27.59 -25.63 50.21
N ARG A 94 26.75 -26.32 50.97
CA ARG A 94 26.01 -25.68 52.05
C ARG A 94 26.85 -25.47 53.30
N ASP A 95 27.83 -26.33 53.54
CA ASP A 95 28.75 -26.20 54.67
C ASP A 95 30.02 -25.45 54.26
N SER A 96 30.03 -24.92 53.04
CA SER A 96 31.21 -24.31 52.47
C SER A 96 31.64 -23.07 53.25
N PHE A 97 32.92 -22.74 53.11
CA PHE A 97 33.55 -21.61 53.79
C PHE A 97 32.91 -20.27 53.44
N ALA A 98 32.32 -20.14 52.26
CA ALA A 98 31.78 -18.84 51.83
C ALA A 98 30.57 -18.42 52.64
N TRP A 99 29.73 -19.36 53.09
CA TRP A 99 28.55 -19.02 53.87
C TRP A 99 28.87 -18.59 55.29
N GLN A 100 30.13 -18.69 55.71
CA GLN A 100 30.48 -18.37 57.09
C GLN A 100 30.31 -16.89 57.41
N THR A 101 30.10 -16.04 56.40
CA THR A 101 29.70 -14.65 56.57
C THR A 101 30.72 -13.88 57.42
N ALA A 102 31.85 -13.60 56.78
CA ALA A 102 32.87 -12.77 57.43
C ALA A 102 32.72 -11.32 57.05
N THR A 103 33.10 -10.95 55.82
CA THR A 103 32.91 -9.60 55.30
C THR A 103 31.73 -9.44 54.34
N ASN A 104 31.01 -10.52 53.98
CA ASN A 104 29.91 -10.45 53.04
C ASN A 104 28.58 -10.28 53.76
N PRO A 105 27.75 -9.32 53.33
CA PRO A 105 26.44 -9.13 53.97
C PRO A 105 25.60 -10.40 53.88
N SER A 106 24.74 -10.59 54.88
CA SER A 106 23.87 -11.75 54.91
C SER A 106 22.56 -11.38 55.61
N VAL A 107 21.49 -12.10 55.25
CA VAL A 107 20.16 -11.88 55.81
C VAL A 107 19.63 -13.22 56.30
N PHE A 108 19.10 -13.22 57.53
CA PHE A 108 18.51 -14.41 58.13
C PHE A 108 17.01 -14.20 58.28
N VAL A 109 16.22 -15.15 57.77
CA VAL A 109 14.77 -15.07 57.85
C VAL A 109 14.21 -16.48 57.85
N LYS A 110 13.04 -16.64 58.45
CA LYS A 110 12.33 -17.90 58.50
C LYS A 110 11.21 -17.89 57.46
N MET A 111 10.51 -19.01 57.34
CA MET A 111 9.36 -19.08 56.44
C MET A 111 8.06 -18.63 57.08
N THR A 112 8.03 -18.52 58.41
CA THR A 112 6.85 -18.00 59.09
C THR A 112 6.93 -16.49 59.30
N ASP A 113 8.07 -15.88 59.02
CA ASP A 113 8.24 -14.45 59.17
C ASP A 113 7.85 -13.72 57.89
N PRO A 114 7.52 -12.44 57.98
CA PRO A 114 7.20 -11.67 56.78
C PRO A 114 8.41 -11.61 55.86
N PRO A 115 8.20 -11.31 54.59
CA PRO A 115 9.31 -11.26 53.64
C PRO A 115 10.38 -10.27 54.05
N ALA A 116 11.62 -10.60 53.68
CA ALA A 116 12.77 -9.77 54.02
C ALA A 116 12.90 -8.60 53.05
N GLN A 117 13.29 -7.44 53.58
CA GLN A 117 13.50 -6.24 52.77
C GLN A 117 14.91 -5.71 53.00
N VAL A 118 15.61 -5.40 51.92
CA VAL A 118 16.93 -4.78 51.97
C VAL A 118 16.97 -3.66 50.95
N SER A 119 17.93 -2.75 51.13
CA SER A 119 18.13 -1.62 50.22
C SER A 119 19.51 -1.73 49.59
N VAL A 120 19.55 -1.68 48.27
CA VAL A 120 20.79 -1.81 47.51
C VAL A 120 21.10 -0.46 46.88
N PRO A 121 22.25 0.14 47.17
CA PRO A 121 22.63 1.42 46.57
C PRO A 121 23.02 1.23 45.10
N PHE A 122 23.61 2.29 44.53
CA PHE A 122 24.07 2.22 43.16
C PHE A 122 25.53 1.74 43.16
N MET A 123 25.73 0.50 42.73
CA MET A 123 27.02 -0.18 42.85
C MET A 123 27.81 -0.19 41.54
N SER A 124 27.26 0.37 40.46
CA SER A 124 27.96 0.32 39.18
C SER A 124 29.12 1.32 39.18
N PRO A 125 30.26 0.94 38.62
CA PRO A 125 31.41 1.87 38.59
C PRO A 125 31.21 3.06 37.68
N ALA A 126 30.29 2.98 36.72
CA ALA A 126 30.01 4.09 35.81
C ALA A 126 29.03 5.06 36.45
N SER A 127 28.60 6.05 35.66
CA SER A 127 27.65 7.04 36.15
C SER A 127 26.22 6.52 36.18
N ALA A 128 25.87 5.59 35.29
CA ALA A 128 24.54 5.01 35.27
C ALA A 128 24.60 3.65 34.60
N TYR A 129 23.57 2.85 34.84
CA TYR A 129 23.48 1.55 34.18
C TYR A 129 23.28 1.70 32.68
N GLN A 130 24.00 0.88 31.92
CA GLN A 130 23.90 0.86 30.46
C GLN A 130 23.19 -0.42 30.06
N TRP A 131 21.96 -0.30 29.58
CA TRP A 131 21.19 -1.49 29.20
C TRP A 131 21.62 -2.06 27.86
N PHE A 132 21.80 -1.22 26.84
CA PHE A 132 22.21 -1.67 25.51
C PHE A 132 23.61 -1.14 25.24
N TYR A 133 24.58 -2.04 25.20
CA TYR A 133 25.99 -1.70 24.98
C TYR A 133 26.37 -2.14 23.57
N ASP A 134 26.81 -1.19 22.75
CA ASP A 134 27.22 -1.49 21.38
C ASP A 134 28.75 -1.50 21.34
N GLY A 135 29.30 -2.70 21.19
CA GLY A 135 30.73 -2.86 21.14
C GLY A 135 31.15 -4.18 21.74
N TYR A 136 32.45 -4.29 22.00
CA TYR A 136 33.00 -5.50 22.60
C TYR A 136 33.76 -5.16 23.88
N PRO A 137 33.63 -5.97 24.94
CA PRO A 137 34.43 -5.75 26.14
C PRO A 137 35.90 -6.10 25.98
N THR A 138 36.25 -6.91 24.98
CA THR A 138 37.59 -7.45 24.83
C THR A 138 38.29 -6.85 23.63
N PHE A 139 39.61 -6.79 23.71
CA PHE A 139 40.45 -6.28 22.65
C PHE A 139 40.76 -7.38 21.64
N GLY A 140 41.52 -7.02 20.62
CA GLY A 140 41.96 -7.95 19.60
C GLY A 140 40.84 -8.36 18.66
N GLU A 141 41.10 -9.42 17.91
CA GLU A 141 40.14 -9.91 16.93
C GLU A 141 39.02 -10.70 17.61
N HIS A 142 37.87 -10.75 16.94
CA HIS A 142 36.69 -11.48 17.42
C HIS A 142 36.22 -12.39 16.30
N LEU A 143 36.28 -13.71 16.54
CA LEU A 143 35.81 -14.68 15.57
C LEU A 143 34.36 -15.06 15.87
N GLN A 144 33.85 -16.05 15.13
CA GLN A 144 32.46 -16.46 15.29
C GLN A 144 32.21 -17.03 16.69
N ALA A 145 33.19 -17.71 17.27
CA ALA A 145 33.03 -18.28 18.60
C ALA A 145 33.10 -17.22 19.69
N ASN A 146 33.77 -16.10 19.44
CA ASN A 146 33.94 -15.03 20.42
C ASN A 146 32.87 -13.96 20.29
N ASP A 147 31.92 -14.15 19.37
CA ASP A 147 30.84 -13.20 19.15
C ASP A 147 29.86 -13.11 20.33
N LEU A 148 29.98 -14.02 21.30
CA LEU A 148 29.12 -13.99 22.47
C LEU A 148 29.30 -12.73 23.31
N ASP A 149 30.48 -12.09 23.25
CA ASP A 149 30.74 -10.91 24.03
C ASP A 149 30.00 -9.67 23.54
N TYR A 150 29.36 -9.73 22.38
CA TYR A 150 28.64 -8.58 21.85
C TYR A 150 27.44 -8.27 22.73
N GLY A 151 27.13 -6.98 22.87
CA GLY A 151 26.04 -6.53 23.70
C GLY A 151 26.21 -6.78 25.18
N GLN A 152 27.45 -6.87 25.66
CA GLN A 152 27.73 -7.17 27.07
C GLN A 152 28.45 -5.97 27.68
N CYS A 153 27.81 -5.34 28.65
CA CYS A 153 28.43 -4.23 29.37
C CYS A 153 29.06 -4.74 30.66
N PRO A 154 30.39 -4.68 30.79
CA PRO A 154 31.04 -5.16 32.01
C PRO A 154 30.58 -4.47 33.28
N ASN A 155 29.99 -3.28 33.18
CA ASN A 155 29.52 -2.56 34.34
C ASN A 155 28.19 -3.08 34.88
N ASN A 156 27.51 -3.94 34.13
CA ASN A 156 26.19 -4.43 34.52
C ASN A 156 26.24 -5.70 35.37
N MET A 157 27.40 -6.36 35.50
CA MET A 157 27.50 -7.51 36.39
C MET A 157 28.03 -7.01 37.72
N MET A 158 27.14 -6.95 38.71
CA MET A 158 27.47 -6.43 40.03
C MET A 158 27.69 -7.51 41.08
N GLY A 159 27.53 -8.79 40.73
CA GLY A 159 27.79 -9.83 41.70
C GLY A 159 26.91 -11.04 41.47
N THR A 160 26.83 -11.88 42.50
CA THR A 160 26.09 -13.13 42.45
C THR A 160 25.31 -13.30 43.74
N PHE A 161 24.09 -13.82 43.65
CA PHE A 161 23.23 -14.02 44.81
C PHE A 161 23.01 -15.52 45.02
N SER A 162 23.02 -15.94 46.29
CA SER A 162 22.96 -17.36 46.62
C SER A 162 22.08 -17.55 47.85
N ILE A 163 21.47 -18.74 47.96
CA ILE A 163 20.61 -19.09 49.09
C ILE A 163 20.92 -20.54 49.49
N ARG A 164 20.68 -20.83 50.77
CA ARG A 164 20.78 -22.21 51.25
C ARG A 164 19.93 -22.35 52.52
N THR A 165 19.67 -23.59 52.88
CA THR A 165 19.06 -23.93 54.16
C THR A 165 20.15 -24.15 55.20
N VAL A 166 19.91 -23.64 56.41
CA VAL A 166 20.90 -23.78 57.48
C VAL A 166 20.92 -25.23 57.96
N GLY A 167 22.04 -25.63 58.55
CA GLY A 167 22.21 -26.97 59.08
C GLY A 167 22.96 -27.86 58.11
N THR A 168 23.57 -28.90 58.69
CA THR A 168 24.35 -29.87 57.93
C THR A 168 23.48 -30.89 57.21
N LYS A 169 22.39 -31.33 57.84
CA LYS A 169 21.51 -32.31 57.21
C LYS A 169 20.61 -31.64 56.17
N LYS A 170 20.17 -32.44 55.20
CA LYS A 170 19.32 -31.95 54.13
C LYS A 170 17.91 -31.69 54.66
N SER A 171 17.31 -30.59 54.22
CA SER A 171 15.97 -30.27 54.65
C SER A 171 14.94 -31.02 53.82
N PRO A 172 13.97 -31.70 54.44
CA PRO A 172 12.98 -32.47 53.70
C PRO A 172 11.98 -31.64 52.91
N HIS A 173 11.85 -30.34 53.19
CA HIS A 173 10.85 -29.50 52.56
C HIS A 173 11.45 -28.72 51.39
N SER A 174 10.72 -28.65 50.29
CA SER A 174 11.13 -27.86 49.15
C SER A 174 10.86 -26.38 49.39
N ILE A 175 11.63 -25.53 48.71
CA ILE A 175 11.58 -24.08 48.91
C ILE A 175 11.60 -23.41 47.55
N THR A 176 10.69 -22.45 47.35
CA THR A 176 10.63 -21.64 46.14
C THR A 176 10.75 -20.16 46.54
N LEU A 177 11.72 -19.47 45.94
CA LEU A 177 12.00 -18.08 46.26
C LEU A 177 11.57 -17.19 45.09
N ARG A 178 10.98 -16.05 45.41
CA ARG A 178 10.55 -15.06 44.43
C ARG A 178 11.13 -13.71 44.81
N VAL A 179 12.02 -13.19 43.96
CA VAL A 179 12.75 -11.96 44.24
C VAL A 179 11.99 -10.78 43.66
N TYR A 180 11.89 -9.70 44.42
CA TYR A 180 11.16 -8.50 44.04
C TYR A 180 12.09 -7.29 44.14
N MET A 181 11.76 -6.24 43.39
CA MET A 181 12.56 -5.02 43.35
C MET A 181 11.67 -3.80 43.24
N ARG A 182 12.00 -2.76 44.01
CA ARG A 182 11.35 -1.46 43.89
C ARG A 182 12.42 -0.41 43.57
N ILE A 183 12.26 0.25 42.43
CA ILE A 183 13.20 1.25 41.95
C ILE A 183 12.87 2.58 42.59
N LYS A 184 13.88 3.22 43.17
CA LYS A 184 13.71 4.52 43.81
C LYS A 184 14.95 5.37 43.57
N HIS A 185 14.79 6.68 43.73
CA HIS A 185 15.84 7.66 43.47
C HIS A 185 16.38 7.49 42.04
N VAL A 186 15.46 7.51 41.08
CA VAL A 186 15.75 7.14 39.70
C VAL A 186 16.09 8.40 38.90
N ARG A 187 17.06 8.26 37.99
CA ARG A 187 17.38 9.28 37.00
C ARG A 187 17.49 8.59 35.65
N ALA A 188 16.99 9.25 34.60
CA ALA A 188 16.83 8.61 33.30
C ALA A 188 17.41 9.48 32.20
N TRP A 189 17.73 8.84 31.08
CA TRP A 189 18.29 9.53 29.92
C TRP A 189 17.97 8.76 28.66
N ILE A 190 18.06 9.45 27.52
CA ILE A 190 18.05 8.86 26.18
C ILE A 190 16.83 7.96 25.97
N PRO A 191 15.63 8.52 25.76
CA PRO A 191 14.47 7.67 25.46
C PRO A 191 14.70 6.80 24.23
N ARG A 192 14.03 5.65 24.22
CA ARG A 192 14.11 4.67 23.15
C ARG A 192 12.72 4.20 22.76
N PRO A 193 12.55 3.67 21.55
CA PRO A 193 11.26 3.08 21.18
C PRO A 193 10.95 1.85 22.03
N LEU A 194 9.66 1.57 22.18
CA LEU A 194 9.22 0.41 22.92
C LEU A 194 9.15 -0.82 22.02
N ARG A 195 9.75 -1.92 22.48
CA ARG A 195 9.86 -3.11 21.67
C ARG A 195 8.49 -3.76 21.45
N ASN A 196 8.14 -3.97 20.19
CA ASN A 196 6.87 -4.59 19.82
C ASN A 196 6.98 -6.08 19.58
N GLN A 197 8.16 -6.69 19.79
CA GLN A 197 8.29 -8.10 19.48
C GLN A 197 8.49 -8.92 20.74
N PRO A 198 8.05 -10.18 20.72
CA PRO A 198 8.24 -11.04 21.90
C PRO A 198 9.70 -11.26 22.22
N TYR A 199 10.00 -11.42 23.50
CA TYR A 199 11.37 -11.65 23.94
C TYR A 199 11.78 -13.10 23.68
N LEU A 200 13.08 -13.31 23.52
CA LEU A 200 13.66 -14.64 23.33
C LEU A 200 14.76 -14.94 24.34
N PHE A 201 15.85 -14.18 24.30
CA PHE A 201 17.02 -14.41 25.14
C PHE A 201 17.23 -13.23 26.07
N LYS A 202 17.91 -13.50 27.19
CA LYS A 202 18.12 -12.49 28.22
C LYS A 202 19.17 -11.46 27.79
N THR A 203 20.30 -11.93 27.27
CA THR A 203 21.48 -11.09 27.06
C THR A 203 21.38 -10.19 25.84
N ASN A 204 20.63 -10.58 24.81
CA ASN A 204 20.57 -9.80 23.58
C ASN A 204 19.14 -9.77 23.07
N PRO A 205 18.70 -8.62 22.34
CA PRO A 205 17.32 -8.49 21.85
C PRO A 205 17.10 -9.20 20.51
N ASN A 206 17.07 -10.53 20.56
CA ASN A 206 16.78 -11.32 19.38
C ASN A 206 15.27 -11.40 19.14
N TYR A 207 14.89 -11.41 17.86
CA TYR A 207 13.49 -11.53 17.47
C TYR A 207 13.34 -12.70 16.50
N LYS A 208 12.16 -13.31 16.52
CA LYS A 208 11.87 -14.45 15.67
C LYS A 208 11.65 -13.97 14.24
N GLY A 209 12.42 -14.53 13.30
CA GLY A 209 12.42 -14.02 11.94
C GLY A 209 11.26 -14.47 11.08
N ASN A 210 10.72 -15.66 11.31
CA ASN A 210 9.64 -16.19 10.51
C ASN A 210 8.37 -15.34 10.57
N ASP A 211 7.96 -14.91 11.77
CA ASP A 211 6.76 -14.09 11.94
C ASP A 211 7.11 -12.76 12.59
N ILE A 212 6.83 -11.67 11.87
CA ILE A 212 7.03 -10.32 12.41
C ILE A 212 5.68 -9.74 12.75
N LYS A 213 5.41 -9.57 14.04
CA LYS A 213 4.11 -9.09 14.48
C LYS A 213 3.96 -7.60 14.18
N CYS A 214 2.89 -7.25 13.50
CA CYS A 214 2.59 -5.86 13.21
C CYS A 214 2.17 -5.14 14.48
N THR A 215 2.68 -3.92 14.67
CA THR A 215 2.41 -3.17 15.88
C THR A 215 0.97 -2.70 15.98
N SER A 216 0.22 -2.74 14.89
CA SER A 216 -1.17 -2.31 14.87
C SER A 216 -2.06 -3.40 14.29
N THR A 217 -3.34 -3.36 14.67
CA THR A 217 -4.30 -4.32 14.15
C THR A 217 -4.64 -4.00 12.70
N SER A 218 -5.16 -5.01 12.01
CA SER A 218 -5.49 -4.90 10.59
C SER A 218 -7.00 -5.00 10.40
N ARG A 219 -7.47 -4.39 9.31
CA ARG A 219 -8.88 -4.39 8.96
C ARG A 219 -9.01 -4.68 7.46
N ASP A 220 -10.26 -4.77 7.00
CA ASP A 220 -10.53 -5.15 5.62
C ASP A 220 -10.36 -3.99 4.64
N LYS A 221 -10.83 -2.80 4.98
CA LYS A 221 -10.77 -1.65 4.10
C LYS A 221 -10.34 -0.41 4.89
N ILE A 222 -9.62 0.47 4.21
CA ILE A 222 -9.14 1.71 4.84
C ILE A 222 -10.26 2.69 5.11
N THR A 223 -11.34 2.64 4.34
CA THR A 223 -12.44 3.59 4.46
C THR A 223 -13.56 3.08 5.36
N THR A 224 -13.41 1.89 5.95
CA THR A 224 -14.45 1.31 6.78
C THR A 224 -13.91 1.05 8.18
N LEU A 225 -14.64 1.53 9.18
CA LEU A 225 -14.27 1.31 10.57
C LEU A 225 -14.87 0.02 11.12
N ASP B 1 -7.70 15.44 -28.72
CA ASP B 1 -7.65 14.54 -29.86
C ASP B 1 -6.48 13.56 -29.71
N ILE B 2 -6.77 12.40 -29.14
CA ILE B 2 -5.77 11.36 -28.90
C ILE B 2 -6.17 10.16 -29.76
N GLN B 3 -5.36 9.88 -30.78
CA GLN B 3 -5.64 8.77 -31.68
C GLN B 3 -5.17 7.46 -31.07
N MET B 4 -6.09 6.49 -30.97
CA MET B 4 -5.80 5.18 -30.41
C MET B 4 -6.11 4.13 -31.46
N THR B 5 -5.07 3.44 -31.91
CA THR B 5 -5.17 2.51 -33.03
C THR B 5 -5.39 1.08 -32.51
N GLN B 6 -6.35 0.38 -33.10
CA GLN B 6 -6.65 -1.01 -32.76
C GLN B 6 -6.43 -1.85 -34.02
N SER B 7 -5.44 -2.74 -33.97
CA SER B 7 -5.10 -3.55 -35.13
C SER B 7 -4.85 -5.01 -34.72
N SER B 8 -5.24 -5.96 -35.55
CA SER B 8 -5.88 -5.67 -36.84
C SER B 8 -7.41 -5.74 -36.73
N SER B 9 -8.09 -5.60 -37.87
CA SER B 9 -9.54 -5.59 -37.86
C SER B 9 -10.12 -7.00 -37.75
N TYR B 10 -9.46 -7.99 -38.35
CA TYR B 10 -9.99 -9.35 -38.37
C TYR B 10 -8.90 -10.34 -38.02
N LEU B 11 -9.20 -11.23 -37.07
CA LEU B 11 -8.32 -12.34 -36.72
C LEU B 11 -9.19 -13.49 -36.26
N SER B 12 -8.76 -14.71 -36.58
CA SER B 12 -9.59 -15.89 -36.35
C SER B 12 -8.81 -16.92 -35.55
N VAL B 13 -9.43 -17.43 -34.49
CA VAL B 13 -8.89 -18.53 -33.70
C VAL B 13 -10.01 -19.52 -33.43
N SER B 14 -9.64 -20.80 -33.36
CA SER B 14 -10.62 -21.86 -33.15
C SER B 14 -11.03 -21.91 -31.68
N LEU B 15 -11.93 -22.82 -31.34
CA LEU B 15 -12.37 -22.95 -29.96
C LEU B 15 -11.33 -23.68 -29.13
N GLY B 16 -11.35 -23.42 -27.82
CA GLY B 16 -10.41 -24.03 -26.91
C GLY B 16 -9.03 -23.43 -26.90
N GLY B 17 -8.78 -22.41 -27.72
CA GLY B 17 -7.49 -21.76 -27.79
C GLY B 17 -7.46 -20.44 -27.05
N ARG B 18 -6.37 -19.70 -27.27
CA ARG B 18 -6.17 -18.40 -26.64
C ARG B 18 -6.12 -17.33 -27.72
N VAL B 19 -6.66 -16.15 -27.41
CA VAL B 19 -6.70 -15.02 -28.34
C VAL B 19 -6.13 -13.79 -27.64
N THR B 20 -5.38 -12.99 -28.39
CA THR B 20 -4.77 -11.77 -27.87
C THR B 20 -5.10 -10.63 -28.82
N ILE B 21 -5.68 -9.55 -28.28
CA ILE B 21 -6.07 -8.38 -29.05
C ILE B 21 -5.38 -7.16 -28.46
N THR B 22 -4.66 -6.42 -29.30
CA THR B 22 -3.88 -5.27 -28.86
C THR B 22 -4.58 -3.97 -29.20
N CYS B 23 -4.65 -3.07 -28.21
CA CYS B 23 -5.20 -1.74 -28.41
C CYS B 23 -4.14 -0.74 -27.95
N LYS B 24 -3.62 0.06 -28.89
CA LYS B 24 -2.53 0.97 -28.62
C LYS B 24 -2.96 2.41 -28.88
N ALA B 25 -2.52 3.32 -28.02
CA ALA B 25 -2.83 4.74 -28.13
C ALA B 25 -1.56 5.52 -28.42
N SER B 26 -1.73 6.83 -28.62
CA SER B 26 -0.62 7.72 -28.94
C SER B 26 0.19 8.15 -27.73
N ASP B 27 -0.44 8.45 -26.61
CA ASP B 27 0.23 8.94 -25.41
C ASP B 27 -0.11 8.05 -24.22
N HIS B 28 0.37 8.45 -23.04
CA HIS B 28 0.17 7.67 -21.82
C HIS B 28 -1.23 7.93 -21.29
N ILE B 29 -2.03 6.87 -21.17
CA ILE B 29 -3.40 7.00 -20.68
C ILE B 29 -3.53 6.71 -19.19
N ASN B 30 -2.41 6.44 -18.50
CA ASN B 30 -2.40 6.15 -17.07
C ASN B 30 -3.25 4.92 -16.75
N ASN B 31 -3.15 3.91 -17.63
CA ASN B 31 -3.80 2.61 -17.44
C ASN B 31 -5.31 2.72 -17.31
N TRP B 32 -5.91 3.75 -17.93
CA TRP B 32 -7.36 3.87 -17.98
C TRP B 32 -7.89 3.43 -19.34
N LEU B 33 -8.53 2.26 -19.35
CA LEU B 33 -9.08 1.67 -20.56
C LEU B 33 -10.25 0.77 -20.19
N ALA B 34 -11.22 0.67 -21.10
CA ALA B 34 -12.40 -0.16 -20.90
C ALA B 34 -12.64 -1.01 -22.13
N TRP B 35 -12.58 -2.33 -21.96
CA TRP B 35 -12.87 -3.28 -23.03
C TRP B 35 -14.37 -3.52 -23.10
N TYR B 36 -14.89 -3.64 -24.32
CA TYR B 36 -16.32 -3.79 -24.55
C TYR B 36 -16.57 -5.04 -25.39
N GLN B 37 -17.80 -5.55 -25.29
CA GLN B 37 -18.25 -6.68 -26.09
C GLN B 37 -19.64 -6.35 -26.63
N GLN B 38 -19.77 -6.30 -27.95
CA GLN B 38 -21.03 -5.96 -28.61
C GLN B 38 -21.38 -7.07 -29.59
N LYS B 39 -22.49 -7.76 -29.32
CA LYS B 39 -23.01 -8.72 -30.28
C LYS B 39 -23.84 -8.00 -31.34
N PRO B 40 -23.94 -8.57 -32.55
CA PRO B 40 -24.71 -7.91 -33.61
C PRO B 40 -26.17 -7.67 -33.22
N GLY B 41 -26.64 -6.44 -33.41
CA GLY B 41 -28.00 -6.05 -33.09
C GLY B 41 -28.22 -5.73 -31.62
N ASN B 42 -27.20 -5.88 -30.79
CA ASN B 42 -27.32 -5.62 -29.35
C ASN B 42 -26.43 -4.45 -28.95
N ALA B 43 -26.52 -4.08 -27.68
CA ALA B 43 -25.71 -2.99 -27.16
C ALA B 43 -24.37 -3.52 -26.64
N PRO B 44 -23.34 -2.66 -26.59
CA PRO B 44 -22.06 -3.09 -26.02
C PRO B 44 -22.21 -3.46 -24.55
N ARG B 45 -21.29 -4.32 -24.10
CA ARG B 45 -21.26 -4.77 -22.71
C ARG B 45 -19.85 -4.62 -22.17
N LEU B 46 -19.73 -4.04 -20.97
CA LEU B 46 -18.44 -3.80 -20.36
C LEU B 46 -17.83 -5.11 -19.87
N LEU B 47 -16.52 -5.24 -20.04
CA LEU B 47 -15.77 -6.40 -19.56
C LEU B 47 -14.64 -6.02 -18.61
N ILE B 48 -13.64 -5.28 -19.09
CA ILE B 48 -12.50 -4.87 -18.30
C ILE B 48 -12.62 -3.38 -18.01
N SER B 49 -12.30 -2.99 -16.78
CA SER B 49 -12.30 -1.59 -16.37
C SER B 49 -10.95 -1.25 -15.76
N GLY B 50 -10.26 -0.28 -16.36
CA GLY B 50 -8.94 0.09 -15.92
C GLY B 50 -7.83 -0.84 -16.35
N ALA B 51 -8.03 -1.62 -17.41
CA ALA B 51 -7.09 -2.56 -18.01
C ALA B 51 -6.77 -3.75 -17.11
N THR B 52 -7.25 -3.77 -15.87
CA THR B 52 -6.95 -4.86 -14.95
C THR B 52 -8.18 -5.43 -14.27
N SER B 53 -8.87 -4.64 -13.46
CA SER B 53 -9.96 -5.14 -12.62
C SER B 53 -11.12 -5.64 -13.47
N LEU B 54 -11.87 -6.59 -12.91
CA LEU B 54 -13.02 -7.19 -13.56
C LEU B 54 -14.31 -6.53 -13.10
N GLU B 55 -15.42 -6.98 -13.67
CA GLU B 55 -16.75 -6.54 -13.29
C GLU B 55 -17.47 -7.63 -12.49
N THR B 56 -18.72 -7.34 -12.14
CA THR B 56 -19.57 -8.30 -11.43
C THR B 56 -20.49 -8.96 -12.46
N GLY B 57 -20.40 -10.27 -12.57
CA GLY B 57 -21.20 -11.01 -13.53
C GLY B 57 -20.41 -11.49 -14.72
N VAL B 58 -19.20 -10.97 -14.88
CA VAL B 58 -18.32 -11.36 -15.98
C VAL B 58 -17.53 -12.59 -15.54
N PRO B 59 -17.38 -13.60 -16.39
CA PRO B 59 -16.59 -14.78 -16.01
C PRO B 59 -15.12 -14.43 -15.87
N SER B 60 -14.40 -15.33 -15.20
CA SER B 60 -12.97 -15.13 -14.93
C SER B 60 -12.09 -15.51 -16.11
N ARG B 61 -12.67 -15.99 -17.21
CA ARG B 61 -11.87 -16.32 -18.38
C ARG B 61 -11.30 -15.07 -19.04
N PHE B 62 -11.94 -13.92 -18.85
CA PHE B 62 -11.44 -12.67 -19.41
C PHE B 62 -10.41 -12.05 -18.48
N SER B 63 -9.19 -11.90 -18.97
CA SER B 63 -8.12 -11.30 -18.17
C SER B 63 -7.39 -10.28 -19.02
N GLY B 64 -7.46 -9.02 -18.63
CA GLY B 64 -6.73 -7.95 -19.29
C GLY B 64 -5.39 -7.73 -18.64
N SER B 65 -4.42 -7.27 -19.43
CA SER B 65 -3.09 -6.96 -18.93
C SER B 65 -2.41 -6.00 -19.88
N GLY B 66 -1.40 -5.30 -19.37
CA GLY B 66 -0.61 -4.41 -20.20
C GLY B 66 0.19 -3.39 -19.41
N SER B 67 1.09 -2.70 -20.09
CA SER B 67 1.90 -1.64 -19.49
C SER B 67 2.31 -0.66 -20.57
N GLY B 68 2.55 0.58 -20.16
CA GLY B 68 2.95 1.62 -21.10
C GLY B 68 1.82 1.95 -22.08
N LYS B 69 2.15 2.01 -23.37
CA LYS B 69 1.17 2.29 -24.41
C LYS B 69 0.60 1.04 -25.07
N ASP B 70 1.05 -0.15 -24.68
CA ASP B 70 0.59 -1.40 -25.28
C ASP B 70 -0.24 -2.17 -24.28
N TYR B 71 -1.50 -2.43 -24.62
CA TYR B 71 -2.43 -3.14 -23.76
C TYR B 71 -3.09 -4.27 -24.54
N THR B 72 -3.22 -5.43 -23.89
CA THR B 72 -3.74 -6.63 -24.53
C THR B 72 -4.95 -7.16 -23.76
N LEU B 73 -5.70 -8.04 -24.43
CA LEU B 73 -6.85 -8.71 -23.83
C LEU B 73 -6.75 -10.20 -24.12
N SER B 74 -6.61 -11.00 -23.06
CA SER B 74 -6.43 -12.44 -23.18
C SER B 74 -7.72 -13.14 -22.78
N ILE B 75 -8.24 -13.97 -23.68
CA ILE B 75 -9.46 -14.73 -23.45
C ILE B 75 -9.14 -16.21 -23.58
N THR B 76 -9.20 -16.94 -22.47
CA THR B 76 -9.03 -18.39 -22.51
C THR B 76 -9.99 -19.08 -21.53
N SER B 77 -10.73 -20.07 -22.02
CA SER B 77 -10.70 -20.45 -23.43
C SER B 77 -11.82 -19.73 -24.20
N LEU B 78 -11.98 -20.09 -25.46
CA LEU B 78 -12.99 -19.47 -26.33
C LEU B 78 -14.20 -20.38 -26.45
N GLN B 79 -15.39 -19.80 -26.33
CA GLN B 79 -16.65 -20.50 -26.47
C GLN B 79 -17.49 -19.83 -27.56
N THR B 80 -18.70 -20.36 -27.76
CA THR B 80 -19.58 -19.87 -28.81
C THR B 80 -20.28 -18.57 -28.45
N GLU B 81 -20.41 -18.25 -27.17
CA GLU B 81 -21.04 -17.00 -26.74
C GLU B 81 -20.05 -15.86 -26.60
N ASP B 82 -18.75 -16.14 -26.69
CA ASP B 82 -17.71 -15.13 -26.58
C ASP B 82 -17.29 -14.56 -27.92
N VAL B 83 -17.95 -14.96 -29.00
CA VAL B 83 -17.63 -14.50 -30.34
C VAL B 83 -18.46 -13.26 -30.61
N ALA B 84 -17.79 -12.12 -30.72
CA ALA B 84 -18.42 -10.82 -30.94
C ALA B 84 -17.35 -9.83 -31.34
N THR B 85 -17.74 -8.56 -31.47
CA THR B 85 -16.82 -7.48 -31.80
C THR B 85 -16.39 -6.79 -30.50
N TYR B 86 -15.07 -6.72 -30.29
CA TYR B 86 -14.51 -6.16 -29.07
C TYR B 86 -14.01 -4.73 -29.33
N TYR B 87 -14.16 -3.88 -28.32
CA TYR B 87 -13.79 -2.48 -28.40
C TYR B 87 -12.90 -2.10 -27.23
N CYS B 88 -12.23 -0.95 -27.35
CA CYS B 88 -11.43 -0.36 -26.29
C CYS B 88 -11.65 1.14 -26.25
N GLN B 89 -11.71 1.69 -25.05
CA GLN B 89 -12.01 3.10 -24.84
C GLN B 89 -10.89 3.77 -24.03
N GLN B 90 -10.66 5.05 -24.32
CA GLN B 90 -9.77 5.90 -23.54
C GLN B 90 -10.60 6.98 -22.86
N TYR B 91 -10.79 6.84 -21.55
CA TYR B 91 -11.52 7.84 -20.77
C TYR B 91 -10.58 8.80 -20.04
N TRP B 92 -9.27 8.67 -20.28
CA TRP B 92 -8.30 9.56 -19.65
C TRP B 92 -8.50 11.03 -20.04
N ASN B 93 -8.67 11.32 -21.33
CA ASN B 93 -8.84 12.69 -21.79
C ASN B 93 -10.04 12.78 -22.72
N SER B 94 -10.68 13.94 -22.71
CA SER B 94 -11.80 14.23 -23.59
C SER B 94 -11.30 14.87 -24.88
N PRO B 95 -11.91 14.50 -26.03
CA PRO B 95 -13.00 13.52 -26.16
C PRO B 95 -12.53 12.08 -26.04
N TYR B 96 -13.44 11.20 -25.64
CA TYR B 96 -13.10 9.79 -25.42
C TYR B 96 -13.04 9.09 -26.76
N THR B 97 -11.87 8.55 -27.10
CA THR B 97 -11.67 7.93 -28.40
C THR B 97 -11.92 6.42 -28.31
N PHE B 98 -12.93 5.96 -29.04
CA PHE B 98 -13.25 4.55 -29.10
C PHE B 98 -12.32 3.83 -30.07
N GLY B 99 -12.11 2.53 -29.81
CA GLY B 99 -11.23 1.73 -30.64
C GLY B 99 -11.84 1.40 -31.99
N GLY B 100 -11.00 0.89 -32.88
CA GLY B 100 -11.43 0.50 -34.20
C GLY B 100 -12.32 -0.73 -34.20
N GLY B 101 -12.05 -1.66 -33.29
CA GLY B 101 -12.84 -2.87 -33.16
C GLY B 101 -12.22 -4.08 -33.82
N THR B 102 -12.48 -5.26 -33.25
CA THR B 102 -11.97 -6.52 -33.76
C THR B 102 -13.12 -7.52 -33.80
N LYS B 103 -13.44 -8.01 -35.00
CA LYS B 103 -14.49 -9.00 -35.18
C LYS B 103 -13.88 -10.39 -35.18
N LEU B 104 -14.39 -11.27 -34.32
CA LEU B 104 -13.86 -12.61 -34.16
C LEU B 104 -14.69 -13.62 -34.96
N GLU B 105 -14.00 -14.59 -35.53
CA GLU B 105 -14.63 -15.70 -36.23
C GLU B 105 -13.81 -16.96 -35.98
N ILE B 106 -14.42 -18.10 -36.28
CA ILE B 106 -13.80 -19.41 -36.03
C ILE B 106 -13.05 -19.85 -37.29
N LYS B 107 -11.91 -20.47 -37.09
CA LYS B 107 -11.03 -20.88 -38.18
C LYS B 107 -11.27 -22.34 -38.54
N ARG B 108 -11.23 -22.64 -39.82
CA ARG B 108 -11.42 -24.00 -40.32
C ARG B 108 -10.60 -24.15 -41.60
N ALA B 109 -10.80 -25.26 -42.31
CA ALA B 109 -10.08 -25.55 -43.53
C ALA B 109 -10.63 -24.69 -44.67
N ASP B 110 -10.09 -24.88 -45.87
CA ASP B 110 -10.49 -24.12 -47.04
C ASP B 110 -11.52 -24.90 -47.85
N ALA B 111 -12.48 -24.17 -48.41
CA ALA B 111 -13.53 -24.77 -49.23
C ALA B 111 -13.58 -24.06 -50.59
N ALA B 112 -13.84 -24.84 -51.65
CA ALA B 112 -13.90 -24.28 -53.00
C ALA B 112 -15.26 -23.62 -53.22
N PRO B 113 -15.28 -22.45 -53.87
CA PRO B 113 -16.55 -21.75 -54.09
C PRO B 113 -17.42 -22.41 -55.15
N THR B 114 -18.61 -21.86 -55.37
CA THR B 114 -19.53 -22.35 -56.39
C THR B 114 -20.08 -21.14 -57.13
N VAL B 115 -19.85 -21.09 -58.44
CA VAL B 115 -20.30 -19.97 -59.26
C VAL B 115 -21.40 -20.44 -60.19
N SER B 116 -22.56 -19.80 -60.10
CA SER B 116 -23.71 -20.13 -60.94
C SER B 116 -24.31 -18.83 -61.45
N ILE B 117 -24.35 -18.68 -62.77
CA ILE B 117 -24.88 -17.49 -63.43
C ILE B 117 -26.35 -17.73 -63.76
N PHE B 118 -27.17 -16.69 -63.66
CA PHE B 118 -28.60 -16.82 -63.83
C PHE B 118 -29.10 -15.93 -64.97
N PRO B 119 -30.05 -16.43 -65.77
CA PRO B 119 -30.63 -15.59 -66.83
C PRO B 119 -31.64 -14.61 -66.27
N PRO B 120 -31.74 -13.43 -66.86
CA PRO B 120 -32.83 -12.51 -66.48
C PRO B 120 -34.19 -13.10 -66.85
N SER B 121 -35.21 -12.68 -66.11
CA SER B 121 -36.56 -13.17 -66.35
C SER B 121 -37.11 -12.62 -67.66
N SER B 122 -38.01 -13.37 -68.26
CA SER B 122 -38.67 -12.94 -69.50
C SER B 122 -39.59 -11.75 -69.29
N GLU B 123 -40.26 -11.66 -68.15
CA GLU B 123 -41.11 -10.53 -67.83
C GLU B 123 -40.36 -9.43 -67.08
N GLN B 124 -39.06 -9.60 -66.87
CA GLN B 124 -38.26 -8.60 -66.17
C GLN B 124 -38.00 -7.37 -67.03
N LEU B 125 -38.16 -7.47 -68.35
CA LEU B 125 -37.89 -6.38 -69.27
C LEU B 125 -39.05 -5.39 -69.37
N THR B 126 -40.14 -5.64 -68.64
CA THR B 126 -41.29 -4.74 -68.65
C THR B 126 -41.12 -3.54 -67.72
N SER B 127 -40.14 -3.58 -66.81
CA SER B 127 -39.94 -2.50 -65.86
C SER B 127 -39.16 -1.34 -66.43
N GLY B 128 -38.44 -1.54 -67.54
CA GLY B 128 -37.62 -0.51 -68.14
C GLY B 128 -36.13 -0.67 -67.89
N GLY B 129 -35.72 -1.72 -67.21
CA GLY B 129 -34.31 -1.97 -66.97
C GLY B 129 -34.01 -3.45 -66.84
N ALA B 130 -32.74 -3.82 -67.02
CA ALA B 130 -32.31 -5.21 -66.96
C ALA B 130 -31.10 -5.34 -66.04
N SER B 131 -31.08 -6.44 -65.30
CA SER B 131 -29.99 -6.71 -64.35
C SER B 131 -29.59 -8.17 -64.49
N VAL B 132 -28.31 -8.41 -64.76
CA VAL B 132 -27.77 -9.76 -64.84
C VAL B 132 -27.13 -10.11 -63.50
N VAL B 133 -27.31 -11.35 -63.06
CA VAL B 133 -26.85 -11.80 -61.76
C VAL B 133 -26.10 -13.13 -61.90
N CYS B 134 -25.06 -13.27 -61.08
CA CYS B 134 -24.45 -14.58 -60.86
C CYS B 134 -24.13 -14.65 -59.37
N PHE B 135 -24.58 -15.71 -58.70
CA PHE B 135 -24.46 -15.81 -57.25
C PHE B 135 -23.39 -16.83 -56.86
N LEU B 136 -22.67 -16.54 -55.78
CA LEU B 136 -21.65 -17.41 -55.24
C LEU B 136 -22.07 -17.93 -53.88
N ASN B 137 -21.63 -19.14 -53.55
CA ASN B 137 -21.98 -19.74 -52.27
C ASN B 137 -20.88 -20.73 -51.88
N ASN B 138 -20.77 -20.94 -50.56
CA ASN B 138 -19.86 -21.95 -49.98
C ASN B 138 -18.40 -21.67 -50.37
N PHE B 139 -17.86 -20.60 -49.80
CA PHE B 139 -16.46 -20.25 -50.00
C PHE B 139 -15.85 -19.75 -48.69
N TYR B 140 -14.55 -19.47 -48.76
CA TYR B 140 -13.73 -19.11 -47.61
C TYR B 140 -12.30 -18.93 -48.10
N PRO B 141 -11.56 -17.94 -47.59
CA PRO B 141 -11.86 -16.89 -46.60
C PRO B 141 -12.57 -15.66 -47.18
N LYS B 142 -12.62 -14.60 -46.37
CA LYS B 142 -13.32 -13.38 -46.76
C LYS B 142 -12.83 -12.84 -48.10
N ASP B 143 -11.52 -12.57 -48.21
CA ASP B 143 -11.00 -11.75 -49.31
C ASP B 143 -10.93 -12.56 -50.60
N ILE B 144 -11.66 -12.06 -51.61
CA ILE B 144 -11.62 -12.56 -52.97
C ILE B 144 -11.77 -11.36 -53.90
N ASN B 145 -11.86 -11.61 -55.21
CA ASN B 145 -12.05 -10.54 -56.19
C ASN B 145 -13.10 -10.98 -57.20
N VAL B 146 -14.19 -10.23 -57.29
CA VAL B 146 -15.21 -10.49 -58.30
C VAL B 146 -14.76 -9.90 -59.63
N LYS B 147 -15.02 -10.64 -60.70
CA LYS B 147 -14.53 -10.27 -62.03
C LYS B 147 -15.67 -10.28 -63.03
N TRP B 148 -15.83 -9.15 -63.73
CA TRP B 148 -16.82 -9.02 -64.81
C TRP B 148 -16.07 -8.58 -66.06
N LYS B 149 -16.04 -9.43 -67.08
CA LYS B 149 -15.29 -9.14 -68.30
C LYS B 149 -16.13 -9.51 -69.50
N ILE B 150 -16.34 -8.54 -70.40
CA ILE B 150 -17.00 -8.75 -71.67
C ILE B 150 -16.07 -8.26 -72.77
N ASP B 151 -15.58 -9.20 -73.60
CA ASP B 151 -14.63 -8.91 -74.66
C ASP B 151 -13.40 -8.16 -74.13
N GLY B 152 -12.84 -8.66 -73.03
CA GLY B 152 -11.64 -8.10 -72.46
C GLY B 152 -11.78 -6.70 -71.91
N SER B 153 -12.73 -6.50 -70.99
CA SER B 153 -12.93 -5.20 -70.37
C SER B 153 -13.23 -5.41 -68.89
N GLU B 154 -13.38 -4.30 -68.17
CA GLU B 154 -13.72 -4.31 -66.75
C GLU B 154 -14.67 -3.15 -66.47
N ARG B 155 -15.76 -3.44 -65.77
CA ARG B 155 -16.87 -2.48 -65.61
C ARG B 155 -16.99 -2.05 -64.15
N GLN B 156 -16.64 -0.80 -63.89
CA GLN B 156 -16.92 -0.11 -62.64
C GLN B 156 -17.22 1.36 -62.96
N ASN B 157 -18.06 2.03 -62.17
CA ASN B 157 -18.74 1.44 -61.02
C ASN B 157 -20.13 0.90 -61.37
N GLY B 158 -20.92 0.62 -60.34
CA GLY B 158 -22.26 0.06 -60.48
C GLY B 158 -22.39 -1.37 -60.03
N VAL B 159 -21.27 -2.05 -59.82
CA VAL B 159 -21.27 -3.38 -59.23
C VAL B 159 -21.37 -3.23 -57.71
N LEU B 160 -21.93 -4.26 -57.07
CA LEU B 160 -22.06 -4.26 -55.62
C LEU B 160 -21.92 -5.70 -55.11
N ASN B 161 -21.44 -5.82 -53.88
CA ASN B 161 -21.22 -7.12 -53.24
C ASN B 161 -21.86 -7.10 -51.87
N SER B 162 -22.83 -7.98 -51.64
CA SER B 162 -23.50 -8.10 -50.36
C SER B 162 -22.94 -9.33 -49.65
N TRP B 163 -22.12 -9.09 -48.63
CA TRP B 163 -21.52 -10.16 -47.86
C TRP B 163 -22.48 -10.68 -46.79
N THR B 164 -22.29 -11.94 -46.42
CA THR B 164 -23.07 -12.56 -45.34
C THR B 164 -22.10 -13.22 -44.39
N ASP B 165 -22.19 -12.87 -43.11
CA ASP B 165 -21.24 -13.34 -42.11
C ASP B 165 -21.48 -14.81 -41.79
N GLN B 166 -20.64 -15.38 -40.93
CA GLN B 166 -20.74 -16.79 -40.60
C GLN B 166 -21.85 -17.03 -39.56
N ASP B 167 -22.37 -18.24 -39.57
CA ASP B 167 -23.37 -18.69 -38.60
C ASP B 167 -22.80 -19.82 -37.75
N SER B 168 -23.63 -20.33 -36.86
CA SER B 168 -23.17 -21.35 -35.90
C SER B 168 -23.12 -22.74 -36.53
N LYS B 169 -23.97 -23.02 -37.53
CA LYS B 169 -24.11 -24.38 -38.00
C LYS B 169 -22.96 -24.82 -38.89
N ASP B 170 -22.91 -24.34 -40.13
CA ASP B 170 -21.87 -24.76 -41.07
C ASP B 170 -20.65 -23.84 -41.12
N SER B 171 -20.69 -22.67 -40.49
CA SER B 171 -19.59 -21.71 -40.50
C SER B 171 -19.13 -21.41 -41.94
N THR B 172 -20.11 -21.04 -42.77
CA THR B 172 -19.88 -20.85 -44.20
C THR B 172 -20.46 -19.50 -44.61
N TYR B 173 -19.86 -18.92 -45.64
CA TYR B 173 -20.21 -17.58 -46.10
C TYR B 173 -20.90 -17.64 -47.47
N SER B 174 -21.29 -16.46 -47.96
CA SER B 174 -21.95 -16.34 -49.25
C SER B 174 -21.78 -14.92 -49.76
N MET B 175 -21.97 -14.75 -51.07
CA MET B 175 -21.84 -13.44 -51.70
C MET B 175 -22.73 -13.40 -52.94
N SER B 176 -23.17 -12.19 -53.29
CA SER B 176 -23.95 -11.95 -54.50
C SER B 176 -23.51 -10.64 -55.12
N SER B 177 -23.68 -10.53 -56.44
CA SER B 177 -23.27 -9.34 -57.17
C SER B 177 -24.19 -9.14 -58.37
N THR B 178 -24.40 -7.88 -58.74
CA THR B 178 -25.26 -7.53 -59.86
C THR B 178 -24.98 -6.09 -60.27
N LEU B 179 -25.66 -5.66 -61.33
CA LEU B 179 -25.60 -4.29 -61.80
C LEU B 179 -26.90 -3.97 -62.54
N THR B 180 -27.26 -2.69 -62.57
CA THR B 180 -28.51 -2.24 -63.17
C THR B 180 -28.23 -1.14 -64.18
N LEU B 181 -28.84 -1.24 -65.36
CA LEU B 181 -28.69 -0.24 -66.40
C LEU B 181 -29.82 -0.41 -67.41
N THR B 182 -29.74 0.37 -68.49
CA THR B 182 -30.85 0.47 -69.44
C THR B 182 -30.93 -0.77 -70.33
N LYS B 183 -31.86 -0.75 -71.28
CA LYS B 183 -32.13 -1.92 -72.11
C LYS B 183 -31.10 -2.09 -73.22
N ASP B 184 -30.79 -1.01 -73.95
CA ASP B 184 -30.07 -1.13 -75.22
C ASP B 184 -28.67 -1.73 -75.08
N GLU B 185 -28.02 -1.57 -73.93
CA GLU B 185 -26.69 -2.11 -73.72
C GLU B 185 -26.70 -3.62 -73.51
N TYR B 186 -27.82 -4.19 -73.06
CA TYR B 186 -27.87 -5.61 -72.74
C TYR B 186 -27.64 -6.49 -73.95
N GLU B 187 -28.28 -6.18 -75.08
CA GLU B 187 -28.18 -7.01 -76.28
C GLU B 187 -27.01 -6.59 -77.17
N ARG B 188 -26.18 -5.65 -76.69
CA ARG B 188 -25.01 -5.24 -77.46
C ARG B 188 -24.09 -6.43 -77.73
N HIS B 189 -23.98 -7.34 -76.76
CA HIS B 189 -23.19 -8.55 -76.95
C HIS B 189 -24.01 -9.78 -76.55
N ASN B 190 -23.39 -10.96 -76.57
CA ASN B 190 -24.10 -12.21 -76.40
C ASN B 190 -23.70 -12.95 -75.13
N SER B 191 -22.49 -13.51 -75.09
CA SER B 191 -22.08 -14.37 -73.99
C SER B 191 -21.87 -13.57 -72.71
N TYR B 192 -22.29 -14.17 -71.59
CA TYR B 192 -22.14 -13.57 -70.27
C TYR B 192 -21.47 -14.59 -69.35
N THR B 193 -20.54 -14.12 -68.52
CA THR B 193 -19.86 -14.99 -67.56
C THR B 193 -19.30 -14.13 -66.43
N CYS B 194 -19.02 -14.79 -65.30
CA CYS B 194 -18.33 -14.15 -64.20
C CYS B 194 -17.47 -15.20 -63.52
N GLU B 195 -16.52 -14.75 -62.70
CA GLU B 195 -15.68 -15.64 -61.91
C GLU B 195 -15.16 -14.90 -60.68
N ALA B 196 -14.43 -15.64 -59.83
CA ALA B 196 -13.84 -15.08 -58.63
C ALA B 196 -12.45 -15.65 -58.46
N THR B 197 -11.45 -14.78 -58.37
CA THR B 197 -10.07 -15.20 -58.18
C THR B 197 -9.80 -15.49 -56.70
N HIS B 198 -8.93 -16.46 -56.46
CA HIS B 198 -8.56 -16.84 -55.10
C HIS B 198 -7.05 -16.99 -55.03
N LYS B 199 -6.52 -16.89 -53.80
CA LYS B 199 -5.07 -16.87 -53.62
C LYS B 199 -4.44 -18.26 -53.80
N THR B 200 -5.01 -19.30 -53.19
CA THR B 200 -4.38 -20.61 -53.22
C THR B 200 -4.45 -21.28 -54.58
N SER B 201 -5.31 -20.81 -55.47
CA SER B 201 -5.45 -21.39 -56.81
C SER B 201 -5.43 -20.26 -57.83
N THR B 202 -4.43 -20.25 -58.70
CA THR B 202 -4.34 -19.24 -59.74
C THR B 202 -5.38 -19.41 -60.83
N SER B 203 -5.86 -20.63 -61.06
CA SER B 203 -6.91 -20.87 -62.05
C SER B 203 -8.25 -21.07 -61.36
N PRO B 204 -9.16 -20.11 -61.45
CA PRO B 204 -10.46 -20.26 -60.77
C PRO B 204 -11.45 -21.10 -61.58
N ILE B 205 -12.69 -21.18 -61.09
CA ILE B 205 -13.76 -21.88 -61.79
C ILE B 205 -14.53 -20.88 -62.64
N VAL B 206 -14.95 -21.33 -63.82
CA VAL B 206 -15.63 -20.47 -64.78
C VAL B 206 -17.00 -21.05 -65.09
N LYS B 207 -18.04 -20.22 -64.93
CA LYS B 207 -19.40 -20.58 -65.29
C LYS B 207 -19.95 -19.51 -66.23
N SER B 208 -20.21 -19.89 -67.47
CA SER B 208 -20.63 -18.97 -68.51
C SER B 208 -22.11 -19.09 -68.79
N PHE B 209 -22.60 -18.24 -69.68
CA PHE B 209 -23.99 -18.23 -70.09
C PHE B 209 -24.09 -17.65 -71.49
N ASN B 210 -25.16 -17.99 -72.21
CA ASN B 210 -25.39 -17.48 -73.55
C ASN B 210 -26.88 -17.20 -73.72
N ARG B 211 -27.18 -16.14 -74.47
CA ARG B 211 -28.56 -15.65 -74.58
C ARG B 211 -29.39 -16.48 -75.55
N ASN B 212 -28.79 -16.91 -76.66
CA ASN B 212 -29.53 -17.54 -77.75
C ASN B 212 -29.67 -19.05 -77.57
N GLU B 213 -29.22 -19.58 -76.43
CA GLU B 213 -29.34 -21.00 -76.14
C GLU B 213 -30.77 -21.51 -76.27
N GLU C 1 23.19 12.45 58.92
CA GLU C 1 22.80 12.03 57.58
C GLU C 1 23.87 12.38 56.56
N ASN C 2 24.75 11.43 56.29
CA ASN C 2 25.74 11.60 55.23
C ASN C 2 25.03 11.61 53.87
N SER C 3 25.70 12.20 52.87
CA SER C 3 25.12 12.23 51.53
C SER C 3 25.79 11.14 50.69
N ASN C 4 25.13 9.99 50.65
CA ASN C 4 25.55 8.86 49.83
C ASN C 4 24.59 8.60 48.67
N SER C 5 23.49 9.35 48.58
CA SER C 5 22.37 8.92 47.76
C SER C 5 22.64 9.09 46.27
N ALA C 6 21.73 8.55 45.45
CA ALA C 6 21.84 8.64 44.00
C ALA C 6 21.23 9.90 43.41
N SER C 7 20.29 10.54 44.10
CA SER C 7 19.58 11.70 43.57
C SER C 7 20.21 13.01 44.02
N GLU C 8 21.32 12.94 44.74
CA GLU C 8 21.94 14.14 45.31
C GLU C 8 22.96 14.78 44.37
N GLY C 9 23.11 14.25 43.16
CA GLY C 9 23.93 14.87 42.14
C GLY C 9 23.18 15.70 41.13
N SER C 10 21.85 15.77 41.25
CA SER C 10 21.04 16.55 40.34
C SER C 10 20.68 17.91 40.94
N THR C 11 19.95 18.71 40.17
CA THR C 11 19.55 20.05 40.58
C THR C 11 18.15 20.08 41.19
N ILE C 12 17.48 18.93 41.30
CA ILE C 12 16.14 18.85 41.83
C ILE C 12 16.20 18.34 43.27
N ASN C 13 15.33 18.89 44.11
CA ASN C 13 15.28 18.57 45.53
C ASN C 13 14.04 17.75 45.84
N TYR C 14 14.19 16.79 46.76
CA TYR C 14 13.10 15.93 47.19
C TYR C 14 13.05 15.90 48.71
N THR C 15 11.85 15.71 49.25
CA THR C 15 11.66 15.54 50.68
C THR C 15 11.44 14.06 51.00
N THR C 16 12.16 13.56 51.99
CA THR C 16 12.13 12.15 52.34
C THR C 16 12.44 11.99 53.82
N ILE C 17 11.81 11.00 54.44
CA ILE C 17 12.07 10.64 55.83
C ILE C 17 12.92 9.38 55.84
N ASN C 18 13.95 9.38 56.69
CA ASN C 18 14.88 8.26 56.78
C ASN C 18 15.18 7.96 58.23
N TYR C 19 15.02 6.71 58.61
CA TYR C 19 15.27 6.26 59.97
C TYR C 19 16.66 5.67 60.17
N TYR C 20 17.50 5.64 59.14
CA TYR C 20 18.84 5.07 59.22
C TYR C 20 19.86 6.12 58.79
N LYS C 21 21.13 5.73 58.84
CA LYS C 21 22.22 6.64 58.53
C LYS C 21 22.55 6.71 57.04
N ASP C 22 21.96 5.84 56.23
CA ASP C 22 22.20 5.85 54.79
C ASP C 22 21.00 6.44 54.06
N ALA C 23 21.29 7.34 53.12
CA ALA C 23 20.22 8.01 52.38
C ALA C 23 19.65 7.17 51.26
N TYR C 24 20.37 6.16 50.77
CA TYR C 24 19.82 5.30 49.74
C TYR C 24 18.82 4.29 50.28
N ALA C 25 18.83 4.05 51.59
CA ALA C 25 17.84 3.19 52.23
C ALA C 25 16.56 3.93 52.58
N ALA C 26 16.49 5.23 52.28
CA ALA C 26 15.32 6.03 52.59
C ALA C 26 14.18 5.70 51.63
N SER C 27 13.06 6.41 51.80
CA SER C 27 11.88 6.20 50.98
C SER C 27 11.95 7.07 49.73
N ALA C 28 10.85 7.12 48.97
CA ALA C 28 10.79 7.94 47.76
C ALA C 28 10.47 9.39 48.09
N GLY C 29 9.25 9.66 48.54
CA GLY C 29 8.86 11.00 48.92
C GLY C 29 8.14 11.75 47.81
N ARG C 30 7.91 13.04 48.08
CA ARG C 30 7.24 13.90 47.14
C ARG C 30 8.14 14.21 45.96
N GLN C 31 7.59 14.10 44.75
CA GLN C 31 8.34 14.35 43.52
C GLN C 31 8.05 15.77 43.03
N ASP C 32 9.09 16.42 42.50
CA ASP C 32 8.95 17.77 41.98
C ASP C 32 9.09 17.76 40.46
N ALA C 70 22.21 27.84 4.95
CA ALA C 70 23.22 28.00 5.99
C ALA C 70 24.58 27.55 5.50
N GLN C 71 25.64 28.12 6.09
CA GLN C 71 27.02 27.78 5.72
C GLN C 71 27.76 27.36 6.98
N LEU C 72 28.32 26.15 6.95
CA LEU C 72 29.08 25.59 8.07
C LEU C 72 30.52 25.43 7.64
N THR C 73 31.42 26.15 8.30
CA THR C 73 32.86 26.03 8.07
C THR C 73 33.50 25.48 9.34
N ILE C 74 33.97 24.23 9.27
CA ILE C 74 34.62 23.58 10.40
C ILE C 74 36.02 23.19 9.94
N GLY C 75 37.02 23.82 10.54
CA GLY C 75 38.42 23.51 10.23
C GLY C 75 38.79 23.95 8.82
N ASN C 76 39.49 23.08 8.09
CA ASN C 76 39.96 23.36 6.74
C ASN C 76 38.89 23.17 5.68
N SER C 77 37.74 22.61 6.03
CA SER C 77 36.68 22.33 5.09
C SER C 77 35.45 23.17 5.40
N THR C 78 34.64 23.43 4.37
CA THR C 78 33.44 24.24 4.50
C THR C 78 32.35 23.66 3.60
N ILE C 79 31.10 23.99 3.92
CA ILE C 79 29.94 23.57 3.12
C ILE C 79 28.93 24.70 3.12
N THR C 80 28.20 24.83 2.00
CA THR C 80 27.10 25.77 1.89
C THR C 80 25.87 25.03 1.40
N THR C 81 24.84 24.98 2.24
CA THR C 81 23.59 24.31 1.90
C THR C 81 22.48 25.33 1.82
N GLN C 82 22.07 25.65 0.59
CA GLN C 82 20.97 26.58 0.35
C GLN C 82 19.60 25.92 0.23
N GLU C 83 19.53 24.60 0.02
CA GLU C 83 18.27 23.89 -0.12
C GLU C 83 17.90 23.17 1.18
N ALA C 84 18.78 23.25 2.18
CA ALA C 84 18.67 22.44 3.39
C ALA C 84 17.72 23.09 4.39
N ALA C 85 17.01 22.24 5.14
CA ALA C 85 16.25 22.71 6.29
C ALA C 85 17.20 23.13 7.40
N ASN C 86 16.68 23.90 8.36
CA ASN C 86 17.51 24.43 9.44
C ASN C 86 18.13 23.30 10.25
N ILE C 87 19.28 23.61 10.85
CA ILE C 87 20.06 22.62 11.57
C ILE C 87 19.30 22.13 12.80
N VAL C 88 19.26 20.82 12.99
CA VAL C 88 18.60 20.20 14.12
C VAL C 88 19.66 19.78 15.14
N ILE C 89 19.66 20.43 16.30
CA ILE C 89 20.59 20.12 17.37
C ILE C 89 20.02 18.97 18.17
N ALA C 90 20.79 17.89 18.28
CA ALA C 90 20.31 16.72 19.02
C ALA C 90 20.28 17.00 20.51
N TYR C 91 19.10 16.85 21.11
CA TYR C 91 18.89 17.03 22.55
C TYR C 91 19.29 18.42 23.03
N GLY C 92 19.27 19.39 22.11
CA GLY C 92 19.49 20.79 22.44
C GLY C 92 20.78 21.11 23.17
N GLU C 93 21.88 20.46 22.81
CA GLU C 93 23.17 20.73 23.41
C GLU C 93 24.27 20.69 22.35
N TRP C 94 25.18 21.65 22.43
CA TRP C 94 26.30 21.74 21.50
C TRP C 94 27.48 20.93 22.02
N PRO C 95 28.26 20.32 21.12
CA PRO C 95 29.48 19.61 21.55
C PRO C 95 30.48 20.59 22.16
N GLU C 96 31.09 20.16 23.26
CA GLU C 96 32.04 21.00 23.98
C GLU C 96 33.10 20.13 24.64
N TYR C 97 34.20 20.78 25.02
CA TYR C 97 35.31 20.08 25.66
C TYR C 97 34.87 19.52 27.02
N CYS C 98 35.58 18.48 27.45
CA CYS C 98 35.27 17.84 28.72
C CYS C 98 35.67 18.74 29.88
N PRO C 99 34.75 19.08 30.78
CA PRO C 99 35.11 19.91 31.93
C PRO C 99 35.91 19.12 32.95
N ASP C 100 36.69 19.86 33.75
CA ASP C 100 37.52 19.27 34.78
C ASP C 100 36.72 18.67 35.93
N THR C 101 35.44 19.00 36.04
CA THR C 101 34.62 18.43 37.12
C THR C 101 34.36 16.95 36.88
N ASP C 102 33.98 16.58 35.67
CA ASP C 102 33.68 15.19 35.36
C ASP C 102 34.88 14.41 34.84
N ALA C 103 36.00 15.08 34.57
CA ALA C 103 37.14 14.40 33.97
C ALA C 103 37.92 13.61 35.01
N THR C 104 38.01 12.30 34.80
CA THR C 104 38.74 11.41 35.69
C THR C 104 40.17 11.12 35.26
N ALA C 105 40.62 11.62 34.11
CA ALA C 105 41.94 11.32 33.60
C ALA C 105 42.95 12.36 34.07
N VAL C 106 44.13 11.89 34.47
CA VAL C 106 45.19 12.77 34.93
C VAL C 106 46.11 13.23 33.80
N ASP C 107 45.96 12.65 32.61
CA ASP C 107 46.77 13.07 31.48
C ASP C 107 46.22 14.36 30.87
N LYS C 108 47.11 15.12 30.26
CA LYS C 108 46.70 16.33 29.55
C LYS C 108 46.43 16.01 28.08
N PRO C 109 45.19 16.17 27.61
CA PRO C 109 44.82 15.64 26.28
C PRO C 109 45.31 16.53 25.15
N THR C 110 45.40 15.95 23.95
CA THR C 110 45.73 16.68 22.74
C THR C 110 44.47 17.25 22.10
N ARG C 111 44.60 18.42 21.47
CA ARG C 111 43.51 19.06 20.74
C ARG C 111 44.00 19.48 19.37
N PRO C 112 44.20 18.53 18.44
CA PRO C 112 44.56 18.90 17.07
C PRO C 112 43.37 19.45 16.30
N ASP C 113 43.08 20.75 16.47
CA ASP C 113 41.83 21.32 15.97
C ASP C 113 41.71 21.18 14.45
N VAL C 114 42.76 21.53 13.71
CA VAL C 114 42.66 21.55 12.25
C VAL C 114 42.78 20.17 11.61
N SER C 115 43.64 19.29 12.14
CA SER C 115 43.86 18.00 11.51
C SER C 115 42.82 16.96 11.89
N VAL C 116 42.03 17.20 12.93
CA VAL C 116 41.00 16.28 13.38
C VAL C 116 39.62 16.69 12.87
N ASN C 117 39.17 17.88 13.23
CA ASN C 117 37.78 18.28 12.99
C ASN C 117 37.69 18.94 11.62
N ARG C 118 37.11 18.21 10.67
CA ARG C 118 36.81 18.71 9.34
C ARG C 118 35.78 17.80 8.71
N PHE C 119 35.16 18.28 7.64
CA PHE C 119 34.16 17.50 6.92
C PHE C 119 34.80 16.31 6.23
N PHE C 120 34.25 15.13 6.47
CA PHE C 120 34.70 13.89 5.83
C PHE C 120 33.59 13.35 4.95
N THR C 121 33.84 13.32 3.65
CA THR C 121 32.86 12.82 2.68
C THR C 121 33.05 11.32 2.49
N LEU C 122 31.95 10.57 2.50
CA LEU C 122 31.99 9.13 2.37
C LEU C 122 31.53 8.72 0.97
N ASP C 123 31.45 7.41 0.73
CA ASP C 123 30.99 6.90 -0.56
C ASP C 123 29.50 7.15 -0.73
N THR C 124 29.05 7.16 -1.98
CA THR C 124 27.66 7.42 -2.30
C THR C 124 26.90 6.11 -2.44
N LYS C 125 25.65 6.11 -1.99
CA LYS C 125 24.79 4.93 -2.04
C LYS C 125 23.74 5.12 -3.12
N SER C 126 23.78 4.26 -4.14
CA SER C 126 22.84 4.33 -5.25
C SER C 126 21.47 3.87 -4.77
N TRP C 127 20.46 4.71 -4.97
CA TRP C 127 19.11 4.40 -4.52
C TRP C 127 18.40 3.55 -5.57
N ALA C 128 17.58 2.61 -5.11
CA ALA C 128 16.73 1.79 -5.95
C ALA C 128 15.35 1.68 -5.30
N LYS C 129 14.37 1.23 -6.09
CA LYS C 129 12.99 1.18 -5.62
C LYS C 129 12.79 0.23 -4.46
N ASP C 130 13.52 -0.89 -4.43
CA ASP C 130 13.42 -1.87 -3.36
C ASP C 130 14.47 -1.67 -2.26
N SER C 131 15.27 -0.60 -2.36
CA SER C 131 16.31 -0.32 -1.39
C SER C 131 15.73 -0.23 0.03
N LYS C 132 16.33 -1.00 0.95
CA LYS C 132 15.85 -1.08 2.31
C LYS C 132 16.51 -0.08 3.26
N GLY C 133 17.55 0.61 2.81
CA GLY C 133 18.23 1.56 3.67
C GLY C 133 19.55 1.06 4.20
N TRP C 134 20.41 1.97 4.67
CA TRP C 134 21.74 1.64 5.16
C TRP C 134 21.94 2.22 6.55
N TYR C 135 22.98 1.74 7.22
CA TYR C 135 23.31 2.21 8.56
C TYR C 135 24.83 2.21 8.75
N TRP C 136 25.32 3.22 9.47
CA TRP C 136 26.73 3.35 9.81
C TRP C 136 26.90 3.36 11.32
N LYS C 137 28.06 2.92 11.78
CA LYS C 137 28.40 2.86 13.20
C LYS C 137 29.51 3.85 13.50
N PHE C 138 29.18 4.90 14.25
CA PHE C 138 30.17 5.88 14.68
C PHE C 138 30.72 5.49 16.06
N PRO C 139 31.99 5.83 16.33
CA PRO C 139 32.96 6.39 15.37
C PRO C 139 33.83 5.33 14.68
N ASP C 140 33.21 4.33 14.07
CA ASP C 140 34.00 3.29 13.41
C ASP C 140 34.28 3.61 11.94
N VAL C 141 33.62 4.64 11.40
CA VAL C 141 33.76 4.94 9.98
C VAL C 141 35.09 5.63 9.70
N LEU C 142 35.49 6.56 10.57
CA LEU C 142 36.65 7.40 10.33
C LEU C 142 37.93 6.84 10.93
N THR C 143 37.88 5.63 11.51
CA THR C 143 39.06 5.01 12.09
C THR C 143 40.17 4.76 11.09
N GLU C 144 39.84 4.56 9.81
CA GLU C 144 40.84 4.32 8.77
C GLU C 144 41.20 5.58 7.97
N VAL C 145 40.57 6.71 8.27
CA VAL C 145 40.62 7.90 7.42
C VAL C 145 41.33 9.02 8.15
N GLY C 146 42.36 9.60 7.52
CA GLY C 146 42.94 10.86 7.95
C GLY C 146 43.65 10.79 9.29
N VAL C 147 44.05 11.97 9.77
CA VAL C 147 44.70 12.10 11.07
C VAL C 147 43.81 11.60 12.20
N PHE C 148 42.50 11.83 12.11
CA PHE C 148 41.58 11.34 13.14
C PHE C 148 41.72 9.84 13.33
N GLY C 149 41.86 9.09 12.24
CA GLY C 149 41.95 7.63 12.35
C GLY C 149 43.26 7.15 12.92
N GLN C 150 44.36 7.85 12.61
CA GLN C 150 45.67 7.44 13.11
C GLN C 150 45.83 7.72 14.59
N ASN C 151 45.46 8.92 15.04
CA ASN C 151 45.57 9.24 16.46
C ASN C 151 44.60 8.43 17.30
N ALA C 152 43.50 7.95 16.71
CA ALA C 152 42.59 7.08 17.43
C ALA C 152 43.22 5.72 17.74
N GLN C 153 44.13 5.26 16.89
CA GLN C 153 44.84 4.01 17.13
C GLN C 153 45.95 4.14 18.16
N PHE C 154 46.51 5.33 18.31
CA PHE C 154 47.58 5.57 19.27
C PHE C 154 47.08 6.06 20.63
N HIS C 155 45.77 6.29 20.77
CA HIS C 155 45.20 6.82 22.00
C HIS C 155 44.10 5.90 22.50
N TYR C 156 44.13 5.60 23.80
CA TYR C 156 43.17 4.72 24.44
C TYR C 156 41.85 5.42 24.75
N LEU C 157 41.88 6.68 25.15
CA LEU C 157 40.69 7.42 25.55
C LEU C 157 40.22 8.33 24.41
N TYR C 158 38.91 8.36 24.22
CA TYR C 158 38.33 9.09 23.10
C TYR C 158 37.04 9.79 23.52
N ARG C 159 36.97 11.09 23.26
CA ARG C 159 35.72 11.83 23.39
C ARG C 159 35.64 12.87 22.29
N SER C 160 34.54 12.93 21.56
CA SER C 160 34.31 13.98 20.58
C SER C 160 32.82 14.07 20.28
N GLY C 161 32.42 15.23 19.74
CA GLY C 161 31.10 15.39 19.16
C GLY C 161 31.14 15.23 17.66
N PHE C 162 29.97 14.98 17.08
CA PHE C 162 29.89 14.63 15.66
C PHE C 162 28.96 15.59 14.93
N CYS C 163 29.14 15.67 13.62
CA CYS C 163 28.30 16.45 12.73
C CYS C 163 27.83 15.55 11.58
N VAL C 164 26.51 15.33 11.51
CA VAL C 164 25.92 14.42 10.54
C VAL C 164 25.31 15.26 9.42
N HIS C 165 25.63 14.92 8.18
CA HIS C 165 25.09 15.61 7.01
C HIS C 165 24.83 14.59 5.92
N VAL C 166 23.65 14.66 5.31
CA VAL C 166 23.20 13.71 4.30
C VAL C 166 22.80 14.49 3.05
N GLN C 167 23.16 13.97 1.88
CA GLN C 167 22.89 14.62 0.60
C GLN C 167 22.20 13.66 -0.36
N CYS C 168 20.98 14.03 -0.77
CA CYS C 168 20.26 13.26 -1.80
C CYS C 168 19.65 14.26 -2.77
N ASN C 169 20.02 14.16 -4.03
CA ASN C 169 19.57 15.12 -5.04
C ASN C 169 18.49 14.51 -5.92
N ALA C 170 17.52 15.35 -6.30
CA ALA C 170 16.43 14.93 -7.17
C ALA C 170 15.85 16.17 -7.85
N SER C 171 15.13 15.93 -8.94
CA SER C 171 14.52 17.00 -9.72
C SER C 171 13.06 17.19 -9.29
N LYS C 172 12.34 18.05 -10.04
CA LYS C 172 10.96 18.35 -9.72
C LYS C 172 10.00 17.21 -10.08
N PHE C 173 10.42 16.29 -10.95
CA PHE C 173 9.60 15.16 -11.35
C PHE C 173 9.76 13.95 -10.44
N HIS C 174 10.57 14.07 -9.40
CA HIS C 174 10.85 12.97 -8.48
C HIS C 174 10.14 13.20 -7.14
N GLN C 175 9.45 12.16 -6.68
CA GLN C 175 8.70 12.23 -5.43
C GLN C 175 9.19 11.12 -4.50
N GLY C 176 9.75 11.55 -3.36
CA GLY C 176 10.26 10.61 -2.39
C GLY C 176 10.53 11.23 -1.04
N ALA C 177 10.75 10.40 -0.03
CA ALA C 177 11.01 10.88 1.33
C ALA C 177 12.05 9.99 1.99
N LEU C 178 12.99 10.62 2.68
CA LEU C 178 14.03 9.91 3.42
C LEU C 178 13.96 10.31 4.89
N LEU C 179 14.23 9.34 5.76
CA LEU C 179 14.21 9.54 7.21
C LEU C 179 15.64 9.37 7.73
N VAL C 180 16.24 10.46 8.18
CA VAL C 180 17.59 10.43 8.75
C VAL C 180 17.46 10.64 10.25
N ALA C 181 17.77 9.60 11.02
CA ALA C 181 17.61 9.63 12.47
C ALA C 181 18.90 9.18 13.14
N VAL C 182 19.05 9.58 14.40
CA VAL C 182 20.20 9.25 15.23
C VAL C 182 19.71 8.49 16.45
N LEU C 183 20.09 7.21 16.54
CA LEU C 183 19.68 6.37 17.67
C LEU C 183 20.89 6.01 18.51
N PRO C 184 21.01 6.56 19.72
CA PRO C 184 22.15 6.21 20.58
C PRO C 184 22.12 4.75 21.00
N GLU C 185 23.29 4.12 21.00
CA GLU C 185 23.45 2.71 21.39
C GLU C 185 22.54 1.81 20.56
N TYR C 186 22.87 1.70 19.27
CA TYR C 186 22.10 0.89 18.33
C TYR C 186 22.70 -0.51 18.28
N VAL C 187 21.92 -1.46 18.79
CA VAL C 187 22.38 -2.85 18.91
C VAL C 187 21.72 -3.68 17.83
N LEU C 188 22.53 -4.46 17.11
CA LEU C 188 22.03 -5.33 16.05
C LEU C 188 21.53 -6.65 16.64
N GLY C 189 20.34 -7.06 16.21
CA GLY C 189 19.78 -8.34 16.57
C GLY C 189 20.01 -9.39 15.50
N THR C 190 19.40 -10.54 15.72
CA THR C 190 19.50 -11.67 14.80
C THR C 190 18.19 -12.43 14.79
N ILE C 191 17.80 -12.89 13.58
CA ILE C 191 16.57 -13.65 13.43
C ILE C 191 16.64 -15.02 14.08
N ALA C 192 17.82 -15.45 14.52
CA ALA C 192 18.02 -16.76 15.17
C ALA C 192 17.54 -17.90 14.28
N GLY C 193 17.83 -17.80 12.98
CA GLY C 193 17.39 -18.79 12.03
C GLY C 193 15.91 -18.77 11.71
N GLY C 194 15.15 -17.89 12.33
CA GLY C 194 13.71 -17.79 12.11
C GLY C 194 12.88 -18.65 13.03
N THR C 195 13.48 -19.71 13.59
CA THR C 195 12.77 -20.54 14.54
C THR C 195 12.75 -19.95 15.94
N GLY C 196 13.87 -19.40 16.39
CA GLY C 196 13.98 -18.81 17.71
C GLY C 196 14.63 -19.66 18.77
N ASN C 197 14.95 -20.91 18.45
CA ASN C 197 15.56 -21.83 19.41
C ASN C 197 17.09 -21.87 19.31
N GLU C 198 17.67 -21.11 18.38
CA GLU C 198 19.11 -21.09 18.16
C GLU C 198 19.69 -19.79 18.69
N ASN C 199 20.84 -19.87 19.37
CA ASN C 199 21.51 -18.70 19.91
C ASN C 199 22.66 -18.31 18.98
N SER C 200 22.51 -17.14 18.37
CA SER C 200 23.51 -16.64 17.44
C SER C 200 23.64 -15.12 17.57
N HIS C 201 24.88 -14.65 17.39
CA HIS C 201 25.20 -13.24 17.47
C HIS C 201 25.75 -12.75 16.14
N PRO C 202 25.51 -11.48 15.80
CA PRO C 202 26.02 -10.96 14.54
C PRO C 202 27.52 -10.85 14.57
N PRO C 203 28.19 -11.13 13.46
CA PRO C 203 29.66 -11.10 13.43
C PRO C 203 30.18 -9.66 13.45
N TYR C 204 31.51 -9.55 13.41
CA TYR C 204 32.16 -8.25 13.42
C TYR C 204 31.95 -7.46 12.14
N ALA C 205 31.65 -8.13 11.02
CA ALA C 205 31.40 -7.44 9.77
C ALA C 205 30.13 -6.59 9.82
N THR C 206 29.06 -7.11 10.40
CA THR C 206 27.82 -6.37 10.55
C THR C 206 27.85 -5.37 11.69
N THR C 207 28.39 -5.76 12.85
CA THR C 207 28.48 -4.85 13.99
C THR C 207 29.49 -3.73 13.76
N GLN C 208 30.53 -3.98 12.96
CA GLN C 208 31.54 -2.99 12.63
C GLN C 208 31.65 -2.90 11.12
N PRO C 209 30.70 -2.23 10.45
CA PRO C 209 30.73 -2.19 8.98
C PRO C 209 31.93 -1.44 8.43
N GLY C 210 32.48 -0.49 9.18
CA GLY C 210 33.60 0.29 8.68
C GLY C 210 33.17 1.51 7.91
N GLN C 211 33.97 1.93 6.93
CA GLN C 211 33.67 3.14 6.19
C GLN C 211 32.55 2.92 5.19
N VAL C 212 32.48 1.72 4.58
CA VAL C 212 31.50 1.47 3.54
C VAL C 212 30.08 1.37 4.08
N GLY C 213 29.90 0.89 5.31
CA GLY C 213 28.57 0.75 5.88
C GLY C 213 27.96 -0.61 5.61
N ALA C 214 26.71 -0.75 6.04
CA ALA C 214 25.97 -1.99 5.87
C ALA C 214 24.52 -1.66 5.55
N VAL C 215 23.79 -2.67 5.06
CA VAL C 215 22.41 -2.52 4.61
C VAL C 215 21.48 -3.19 5.60
N LEU C 216 20.29 -2.62 5.77
CA LEU C 216 19.29 -3.20 6.65
C LEU C 216 18.66 -4.42 5.99
N THR C 217 18.28 -5.38 6.83
CA THR C 217 17.54 -6.57 6.41
C THR C 217 16.04 -6.41 6.54
N HIS C 218 15.54 -6.18 7.75
CA HIS C 218 14.12 -5.96 8.00
C HIS C 218 13.96 -4.55 8.59
N PRO C 219 13.82 -3.55 7.73
CA PRO C 219 13.74 -2.16 8.21
C PRO C 219 12.58 -1.89 9.16
N TYR C 220 11.53 -2.71 9.14
CA TYR C 220 10.41 -2.51 10.05
C TYR C 220 10.83 -2.60 11.50
N VAL C 221 11.64 -3.60 11.86
CA VAL C 221 12.15 -3.75 13.22
C VAL C 221 13.52 -3.13 13.40
N LEU C 222 14.14 -2.63 12.32
CA LEU C 222 15.48 -2.06 12.35
C LEU C 222 16.51 -3.05 12.88
N ASP C 223 16.17 -4.34 12.81
CA ASP C 223 16.96 -5.43 13.40
C ASP C 223 17.19 -5.21 14.90
N ALA C 224 16.43 -4.31 15.50
CA ALA C 224 16.37 -4.20 16.95
C ALA C 224 15.12 -4.81 17.55
N GLY C 225 14.20 -5.32 16.74
CA GLY C 225 12.91 -5.73 17.24
C GLY C 225 12.00 -4.60 17.68
N ILE C 226 12.29 -3.37 17.27
CA ILE C 226 11.52 -2.21 17.70
C ILE C 226 10.85 -1.57 16.49
N PRO C 227 9.67 -0.95 16.65
CA PRO C 227 8.97 -0.38 15.50
C PRO C 227 9.74 0.74 14.83
N LEU C 228 9.50 0.89 13.52
CA LEU C 228 10.09 1.99 12.78
C LEU C 228 9.32 3.30 13.00
N SER C 229 8.01 3.20 13.28
CA SER C 229 7.21 4.40 13.49
C SER C 229 7.62 5.18 14.73
N GLN C 230 8.31 4.53 15.68
CA GLN C 230 8.74 5.18 16.90
C GLN C 230 10.17 5.73 16.80
N LEU C 231 10.80 5.61 15.63
CA LEU C 231 12.17 6.06 15.48
C LEU C 231 12.30 7.58 15.63
N THR C 232 11.23 8.33 15.38
CA THR C 232 11.28 9.79 15.47
C THR C 232 11.36 10.30 16.90
N VAL C 233 11.23 9.42 17.91
CA VAL C 233 11.41 9.86 19.29
C VAL C 233 12.82 10.40 19.50
N CYS C 234 13.81 9.76 18.87
CA CYS C 234 15.17 10.26 18.91
C CYS C 234 15.35 11.38 17.89
N PRO C 235 16.42 12.16 17.98
CA PRO C 235 16.65 13.24 17.01
C PRO C 235 16.63 12.72 15.58
N HIS C 236 15.87 13.40 14.73
CA HIS C 236 15.64 12.97 13.36
C HIS C 236 15.46 14.19 12.46
N GLN C 237 15.57 13.97 11.15
CA GLN C 237 15.27 15.00 10.18
C GLN C 237 14.71 14.32 8.93
N TRP C 238 13.70 14.94 8.32
CA TRP C 238 13.09 14.41 7.11
C TRP C 238 13.68 15.07 5.88
N ILE C 239 14.00 14.25 4.89
CA ILE C 239 14.47 14.72 3.59
C ILE C 239 13.34 14.47 2.60
N ASN C 240 12.71 15.55 2.15
CA ASN C 240 11.62 15.45 1.17
C ASN C 240 12.12 16.07 -0.13
N LEU C 241 12.14 15.27 -1.20
CA LEU C 241 12.75 15.69 -2.44
C LEU C 241 12.04 16.84 -3.13
N ARG C 242 10.83 17.20 -2.67
CA ARG C 242 10.14 18.35 -3.23
C ARG C 242 10.52 19.66 -2.55
N THR C 243 11.18 19.59 -1.40
CA THR C 243 11.59 20.79 -0.68
C THR C 243 13.05 20.78 -0.26
N ASN C 244 13.43 19.91 0.69
CA ASN C 244 14.79 19.88 1.21
C ASN C 244 15.49 18.63 0.73
N ASN C 245 16.60 18.84 0.01
CA ASN C 245 17.43 17.75 -0.48
C ASN C 245 18.61 17.44 0.45
N CYS C 246 18.72 18.14 1.58
CA CYS C 246 19.84 17.95 2.48
C CYS C 246 19.32 17.84 3.91
N ALA C 247 20.20 17.39 4.80
CA ALA C 247 19.90 17.27 6.21
C ALA C 247 21.16 17.50 7.03
N THR C 248 21.00 18.12 8.20
CA THR C 248 22.12 18.40 9.10
C THR C 248 21.68 18.14 10.53
N ILE C 249 22.44 17.33 11.25
CA ILE C 249 22.16 16.98 12.64
C ILE C 249 23.45 17.06 13.43
N ILE C 250 23.41 17.81 14.53
CA ILE C 250 24.57 17.97 15.41
C ILE C 250 24.33 17.13 16.66
N VAL C 251 25.11 16.05 16.80
CA VAL C 251 24.96 15.12 17.92
C VAL C 251 26.19 15.27 18.82
N PRO C 252 26.01 15.63 20.10
CA PRO C 252 27.16 15.71 21.01
C PRO C 252 27.61 14.34 21.51
N TYR C 253 28.56 14.33 22.43
CA TYR C 253 29.05 13.09 23.01
C TYR C 253 28.11 12.64 24.12
N MET C 254 27.60 11.41 24.00
CA MET C 254 26.66 10.85 24.97
C MET C 254 27.19 9.50 25.44
N ASN C 255 27.60 9.43 26.70
CA ASN C 255 28.04 8.17 27.30
C ASN C 255 27.98 8.32 28.81
N THR C 256 27.96 7.17 29.50
CA THR C 256 28.05 7.17 30.95
C THR C 256 29.46 7.45 31.45
N VAL C 257 30.44 7.50 30.56
CA VAL C 257 31.82 7.76 30.94
C VAL C 257 32.35 8.94 30.14
N PRO C 258 33.17 9.81 30.73
CA PRO C 258 33.68 10.95 29.96
C PRO C 258 34.53 10.54 28.77
N PHE C 259 35.47 9.61 28.97
CA PHE C 259 36.31 9.10 27.90
C PHE C 259 36.03 7.61 27.74
N ASP C 260 36.22 7.10 26.53
CA ASP C 260 35.96 5.70 26.24
C ASP C 260 36.79 5.28 25.03
N SER C 261 37.00 3.98 24.89
CA SER C 261 37.78 3.45 23.77
C SER C 261 37.01 3.60 22.46
N ALA C 262 37.65 4.23 21.48
CA ALA C 262 37.03 4.47 20.18
C ALA C 262 36.87 3.20 19.35
N LEU C 263 37.78 2.25 19.47
CA LEU C 263 37.74 1.03 18.67
C LEU C 263 36.59 0.09 19.02
N ASN C 264 36.46 -0.32 20.28
CA ASN C 264 35.40 -1.23 20.68
C ASN C 264 34.03 -0.58 20.72
N HIS C 265 33.86 0.51 21.46
CA HIS C 265 32.55 1.07 21.74
C HIS C 265 32.10 1.95 20.58
N CYS C 266 30.90 1.65 20.06
CA CYS C 266 30.24 2.48 19.09
C CYS C 266 29.21 3.34 19.82
N ASN C 267 29.28 4.66 19.61
CA ASN C 267 28.42 5.57 20.35
C ASN C 267 26.98 5.50 19.86
N PHE C 268 26.74 5.92 18.62
CA PHE C 268 25.41 5.88 18.04
C PHE C 268 25.51 5.50 16.57
N GLY C 269 24.40 5.05 16.02
CA GLY C 269 24.30 4.71 14.61
C GLY C 269 23.60 5.80 13.83
N LEU C 270 23.66 5.70 12.50
CA LEU C 270 22.98 6.63 11.60
C LEU C 270 22.12 5.83 10.65
N LEU C 271 20.85 6.23 10.52
CA LEU C 271 19.87 5.50 9.74
C LEU C 271 19.32 6.41 8.64
N VAL C 272 19.53 6.01 7.39
CA VAL C 272 18.90 6.66 6.24
C VAL C 272 17.93 5.64 5.64
N ILE C 273 16.64 5.87 5.85
CA ILE C 273 15.59 4.90 5.54
C ILE C 273 14.67 5.50 4.50
N PRO C 274 14.57 4.92 3.30
CA PRO C 274 13.58 5.41 2.34
C PRO C 274 12.16 5.00 2.69
N VAL C 275 11.53 5.76 3.59
CA VAL C 275 10.17 5.45 4.02
C VAL C 275 9.21 5.45 2.84
N VAL C 276 9.20 6.54 2.08
CA VAL C 276 8.37 6.66 0.89
C VAL C 276 9.22 6.34 -0.33
N PRO C 277 8.96 5.25 -1.05
CA PRO C 277 9.77 4.91 -2.22
C PRO C 277 9.68 6.00 -3.29
N LEU C 278 10.84 6.40 -3.79
CA LEU C 278 10.91 7.37 -4.86
C LEU C 278 10.28 6.80 -6.14
N ASP C 279 9.40 7.57 -6.75
CA ASP C 279 8.69 7.16 -7.96
C ASP C 279 9.03 8.12 -9.08
N PHE C 280 9.33 7.56 -10.26
CA PHE C 280 9.59 8.37 -11.44
C PHE C 280 9.16 7.57 -12.66
N ASN C 281 8.64 8.26 -13.65
CA ASN C 281 8.18 7.63 -14.88
C ASN C 281 9.37 7.24 -15.76
N ALA C 282 9.05 6.65 -16.91
CA ALA C 282 10.08 6.21 -17.83
C ALA C 282 10.72 7.40 -18.55
N GLY C 283 12.04 7.33 -18.73
CA GLY C 283 12.80 8.37 -19.39
C GLY C 283 13.56 9.26 -18.42
N ALA C 284 13.13 9.32 -17.17
CA ALA C 284 13.82 10.08 -16.15
C ALA C 284 15.10 9.36 -15.72
N THR C 285 16.01 10.13 -15.12
CA THR C 285 17.27 9.56 -14.66
C THR C 285 17.00 8.62 -13.48
N SER C 286 17.45 7.37 -13.61
CA SER C 286 17.19 6.36 -12.60
C SER C 286 18.27 6.27 -11.53
N GLU C 287 19.39 6.97 -11.70
CA GLU C 287 20.48 6.93 -10.73
C GLU C 287 20.31 8.10 -9.77
N ILE C 288 19.95 7.77 -8.52
CA ILE C 288 19.81 8.77 -7.46
C ILE C 288 20.83 8.44 -6.38
N PRO C 289 21.91 9.19 -6.24
CA PRO C 289 22.90 8.94 -5.19
C PRO C 289 22.44 9.46 -3.84
N ILE C 290 23.05 8.89 -2.80
CA ILE C 290 22.88 9.36 -1.43
C ILE C 290 24.28 9.56 -0.86
N THR C 291 24.63 10.81 -0.58
CA THR C 291 25.94 11.19 -0.08
C THR C 291 25.84 11.55 1.40
N VAL C 292 26.71 10.96 2.21
CA VAL C 292 26.75 11.20 3.65
C VAL C 292 28.14 11.70 4.01
N THR C 293 28.22 12.95 4.46
CA THR C 293 29.47 13.53 4.93
C THR C 293 29.34 13.84 6.42
N ILE C 294 30.41 13.57 7.17
CA ILE C 294 30.40 13.70 8.62
C ILE C 294 31.65 14.43 9.07
N ALA C 295 31.56 15.08 10.23
CA ALA C 295 32.71 15.76 10.81
C ALA C 295 32.73 15.61 12.33
N PRO C 296 33.90 15.43 12.93
CA PRO C 296 33.99 15.46 14.40
C PRO C 296 34.02 16.89 14.91
N MET C 297 33.65 17.05 16.17
CA MET C 297 33.64 18.34 16.85
C MET C 297 34.16 18.18 18.27
N CYS C 298 35.15 19.00 18.62
CA CYS C 298 35.73 19.02 19.97
C CYS C 298 36.25 17.65 20.38
N ALA C 299 37.33 17.24 19.72
CA ALA C 299 37.92 15.93 19.96
C ALA C 299 39.05 16.02 20.97
N GLU C 300 39.08 15.08 21.91
CA GLU C 300 40.12 15.00 22.92
C GLU C 300 40.62 13.57 23.00
N PHE C 301 41.93 13.39 22.89
CA PHE C 301 42.57 12.08 22.92
C PHE C 301 43.47 11.98 24.14
N ALA C 302 43.64 10.76 24.64
CA ALA C 302 44.44 10.54 25.84
C ALA C 302 44.99 9.12 25.82
N GLY C 303 45.98 8.88 26.68
CA GLY C 303 46.60 7.57 26.77
C GLY C 303 47.40 7.18 25.55
N LEU C 304 48.38 8.00 25.18
CA LEU C 304 49.24 7.70 24.05
C LEU C 304 49.90 6.33 24.23
N ARG C 305 49.76 5.48 23.21
CA ARG C 305 50.17 4.09 23.30
C ARG C 305 50.70 3.64 21.94
N GLN C 306 50.89 2.34 21.78
CA GLN C 306 51.40 1.77 20.55
C GLN C 306 50.31 1.74 19.48
N ALA C 307 50.63 1.13 18.34
CA ALA C 307 49.67 1.00 17.25
C ALA C 307 48.73 -0.16 17.53
N VAL C 308 47.43 0.12 17.60
CA VAL C 308 46.40 -0.88 17.85
C VAL C 308 45.36 -0.76 16.75
N LYS C 309 45.22 -1.81 15.94
CA LYS C 309 44.25 -1.79 14.86
C LYS C 309 42.85 -2.08 15.37
N GLN C 310 42.61 -3.29 15.88
CA GLN C 310 41.31 -3.67 16.41
C GLN C 310 41.46 -4.42 17.72
N GLN D 1 -32.23 -2.26 -9.58
CA GLN D 1 -31.64 -2.35 -10.91
C GLN D 1 -31.75 -1.02 -11.64
N VAL D 2 -30.89 -0.82 -12.64
CA VAL D 2 -30.86 0.40 -13.44
C VAL D 2 -31.21 0.03 -14.88
N GLN D 3 -32.21 0.71 -15.43
CA GLN D 3 -32.70 0.43 -16.78
C GLN D 3 -32.76 1.72 -17.58
N LEU D 4 -32.29 1.68 -18.82
CA LEU D 4 -32.32 2.81 -19.73
C LEU D 4 -33.26 2.47 -20.88
N GLN D 5 -34.34 3.25 -21.03
CA GLN D 5 -35.36 3.00 -22.03
C GLN D 5 -35.37 4.13 -23.04
N GLN D 6 -35.09 3.80 -24.30
CA GLN D 6 -35.12 4.76 -25.39
C GLN D 6 -36.47 4.70 -26.11
N SER D 7 -36.57 5.45 -27.21
CA SER D 7 -37.76 5.43 -28.05
C SER D 7 -37.56 4.48 -29.22
N GLY D 8 -38.52 4.48 -30.14
CA GLY D 8 -38.47 3.62 -31.30
C GLY D 8 -37.73 4.28 -32.46
N PRO D 9 -37.81 3.66 -33.64
CA PRO D 9 -37.15 4.24 -34.81
C PRO D 9 -37.88 5.46 -35.34
N GLU D 10 -37.16 6.27 -36.11
CA GLU D 10 -37.69 7.49 -36.69
C GLU D 10 -37.37 7.53 -38.18
N LEU D 11 -38.31 8.08 -38.94
CA LEU D 11 -38.14 8.26 -40.38
C LEU D 11 -38.59 9.68 -40.73
N VAL D 12 -37.68 10.48 -41.27
CA VAL D 12 -37.98 11.87 -41.59
C VAL D 12 -37.10 12.28 -42.78
N LYS D 13 -37.64 13.17 -43.61
CA LYS D 13 -36.91 13.67 -44.76
C LYS D 13 -35.80 14.62 -44.31
N PRO D 14 -34.75 14.76 -45.13
CA PRO D 14 -33.65 15.67 -44.76
C PRO D 14 -34.14 17.11 -44.63
N GLY D 15 -33.55 17.84 -43.70
CA GLY D 15 -33.88 19.24 -43.46
C GLY D 15 -34.71 19.49 -42.23
N ALA D 16 -35.32 18.48 -41.63
CA ALA D 16 -36.14 18.64 -40.44
C ALA D 16 -35.32 18.32 -39.20
N SER D 17 -35.99 18.31 -38.05
CA SER D 17 -35.34 18.01 -36.77
C SER D 17 -36.02 16.80 -36.13
N VAL D 18 -35.28 16.13 -35.26
CA VAL D 18 -35.78 14.93 -34.56
C VAL D 18 -35.29 14.99 -33.11
N LYS D 19 -36.13 14.51 -32.20
CA LYS D 19 -35.81 14.46 -30.78
C LYS D 19 -35.90 13.00 -30.32
N ILE D 20 -34.91 12.55 -29.57
CA ILE D 20 -34.83 11.17 -29.10
C ILE D 20 -34.83 11.17 -27.59
N SER D 21 -35.65 10.31 -27.00
CA SER D 21 -35.85 10.25 -25.56
C SER D 21 -35.06 9.10 -24.94
N CYS D 22 -34.49 9.37 -23.77
CA CYS D 22 -33.81 8.34 -22.98
C CYS D 22 -34.23 8.54 -21.53
N LYS D 23 -34.80 7.50 -20.92
CA LYS D 23 -35.35 7.58 -19.58
C LYS D 23 -34.65 6.58 -18.66
N ALA D 24 -33.96 7.09 -17.66
CA ALA D 24 -33.32 6.27 -16.65
C ALA D 24 -34.34 5.82 -15.60
N SER D 25 -34.05 4.69 -14.97
CA SER D 25 -34.93 4.14 -13.96
C SER D 25 -34.10 3.40 -12.91
N GLY D 26 -34.55 3.47 -11.66
CA GLY D 26 -33.88 2.76 -10.59
C GLY D 26 -32.60 3.38 -10.11
N TYR D 27 -32.34 4.64 -10.45
CA TYR D 27 -31.12 5.30 -10.03
C TYR D 27 -31.36 6.81 -10.05
N ALA D 28 -30.53 7.54 -9.31
CA ALA D 28 -30.69 9.00 -9.20
C ALA D 28 -30.33 9.63 -10.54
N PHE D 29 -31.27 10.42 -11.08
CA PHE D 29 -31.11 10.91 -12.45
C PHE D 29 -30.15 12.08 -12.53
N SER D 30 -30.15 12.95 -11.51
CA SER D 30 -29.34 14.17 -11.54
C SER D 30 -27.95 13.97 -10.94
N THR D 31 -27.65 12.80 -10.39
CA THR D 31 -26.39 12.55 -9.71
C THR D 31 -25.26 12.27 -10.71
N SER D 32 -25.56 11.55 -11.79
CA SER D 32 -24.51 11.08 -12.68
C SER D 32 -24.71 11.68 -14.07
N TRP D 33 -23.63 11.71 -14.84
CA TRP D 33 -23.66 12.20 -16.21
C TRP D 33 -24.45 11.24 -17.11
N MET D 34 -24.93 11.78 -18.23
CA MET D 34 -25.65 11.00 -19.24
C MET D 34 -25.00 11.26 -20.58
N ASN D 35 -24.41 10.23 -21.17
CA ASN D 35 -23.67 10.35 -22.41
C ASN D 35 -24.53 9.96 -23.61
N TRP D 36 -23.93 10.09 -24.80
CA TRP D 36 -24.55 9.70 -26.05
C TRP D 36 -23.47 9.20 -27.00
N VAL D 37 -23.78 8.14 -27.74
CA VAL D 37 -22.80 7.48 -28.61
C VAL D 37 -23.47 7.18 -29.94
N ILE D 38 -22.77 7.47 -31.04
CA ILE D 38 -23.24 7.17 -32.39
C ILE D 38 -22.40 6.02 -32.95
N GLN D 39 -23.06 5.09 -33.62
CA GLN D 39 -22.39 3.98 -34.31
C GLN D 39 -22.77 4.06 -35.78
N ARG D 40 -21.81 4.36 -36.64
CA ARG D 40 -22.08 4.40 -38.06
C ARG D 40 -21.90 3.00 -38.66
N PRO D 41 -22.93 2.49 -39.35
CA PRO D 41 -22.91 1.12 -39.90
C PRO D 41 -21.80 0.87 -40.93
N GLY D 42 -21.05 -0.21 -40.73
CA GLY D 42 -21.10 -0.93 -39.47
C GLY D 42 -19.85 -0.76 -38.63
N GLN D 43 -18.80 -0.19 -39.22
CA GLN D 43 -17.49 -0.12 -38.57
C GLN D 43 -17.26 1.10 -37.70
N GLY D 44 -18.03 2.18 -37.85
CA GLY D 44 -17.78 3.40 -37.12
C GLY D 44 -18.38 3.41 -35.73
N LEU D 45 -17.63 3.95 -34.78
CA LEU D 45 -18.14 4.18 -33.43
C LEU D 45 -17.43 5.41 -32.88
N GLU D 46 -18.17 6.33 -32.27
CA GLU D 46 -17.56 7.49 -31.63
C GLU D 46 -18.52 8.08 -30.61
N TRP D 47 -17.96 8.88 -29.70
CA TRP D 47 -18.69 9.54 -28.62
C TRP D 47 -19.23 10.88 -29.07
N ILE D 48 -20.42 11.22 -28.59
CA ILE D 48 -21.14 12.44 -29.00
C ILE D 48 -21.01 13.54 -27.95
N GLY D 49 -21.70 13.40 -26.83
CA GLY D 49 -21.69 14.43 -25.82
C GLY D 49 -22.37 13.93 -24.55
N ARG D 50 -22.15 14.68 -23.48
CA ARG D 50 -22.67 14.34 -22.16
C ARG D 50 -23.44 15.53 -21.59
N ILE D 51 -24.26 15.24 -20.58
CA ILE D 51 -25.05 16.26 -19.90
C ILE D 51 -25.19 15.88 -18.43
N TYR D 52 -25.13 16.88 -17.55
CA TYR D 52 -25.33 16.66 -16.13
C TYR D 52 -26.71 17.21 -15.75
N PRO D 53 -27.69 16.36 -15.44
CA PRO D 53 -29.07 16.83 -15.23
C PRO D 53 -29.25 17.80 -14.08
N GLY D 54 -28.36 17.81 -13.08
CA GLY D 54 -28.52 18.74 -11.98
C GLY D 54 -28.36 20.18 -12.41
N ASP D 55 -27.22 20.51 -13.00
CA ASP D 55 -26.98 21.85 -13.55
C ASP D 55 -27.58 22.05 -14.93
N GLY D 56 -27.49 21.06 -15.81
CA GLY D 56 -27.96 21.19 -17.17
C GLY D 56 -26.89 21.50 -18.20
N ASP D 57 -25.62 21.52 -17.82
CA ASP D 57 -24.54 21.83 -18.73
C ASP D 57 -24.37 20.72 -19.76
N THR D 58 -23.78 21.08 -20.90
CA THR D 58 -23.54 20.14 -21.99
C THR D 58 -22.09 20.23 -22.44
N ASN D 59 -21.47 19.08 -22.64
CA ASN D 59 -20.10 18.99 -23.13
C ASN D 59 -20.15 18.24 -24.46
N TYR D 60 -19.88 18.95 -25.55
CA TYR D 60 -20.00 18.38 -26.89
C TYR D 60 -18.63 18.03 -27.47
N ASN D 61 -18.66 17.49 -28.68
CA ASN D 61 -17.44 17.18 -29.41
C ASN D 61 -17.17 18.29 -30.43
N GLY D 62 -16.05 18.16 -31.16
CA GLY D 62 -15.71 19.14 -32.17
C GLY D 62 -16.63 19.15 -33.37
N LYS D 63 -16.99 17.98 -33.89
CA LYS D 63 -17.85 17.87 -35.05
C LYS D 63 -19.33 18.04 -34.72
N PHE D 64 -19.78 17.54 -33.56
CA PHE D 64 -21.19 17.52 -33.20
C PHE D 64 -21.57 18.76 -32.39
N LYS D 65 -20.63 19.70 -32.27
CA LYS D 65 -20.85 20.90 -31.47
C LYS D 65 -22.09 21.67 -31.93
N GLY D 66 -22.19 21.92 -33.23
CA GLY D 66 -23.30 22.66 -33.79
C GLY D 66 -24.49 21.84 -34.23
N LYS D 67 -24.32 20.55 -34.48
CA LYS D 67 -25.39 19.70 -34.97
C LYS D 67 -26.37 19.24 -33.90
N ALA D 68 -25.88 18.87 -32.72
CA ALA D 68 -26.71 18.27 -31.68
C ALA D 68 -26.86 19.22 -30.51
N THR D 69 -28.01 19.13 -29.83
CA THR D 69 -28.30 19.90 -28.64
C THR D 69 -28.92 18.98 -27.60
N LEU D 70 -28.35 18.97 -26.40
CA LEU D 70 -28.74 18.05 -25.34
C LEU D 70 -29.49 18.81 -24.25
N THR D 71 -30.64 18.29 -23.84
CA THR D 71 -31.42 18.83 -22.74
C THR D 71 -31.82 17.70 -21.81
N ALA D 72 -32.26 18.07 -20.60
CA ALA D 72 -32.64 17.09 -19.60
C ALA D 72 -33.78 17.64 -18.76
N ASP D 73 -34.58 16.72 -18.20
CA ASP D 73 -35.70 17.07 -17.36
C ASP D 73 -35.60 16.28 -16.06
N LYS D 74 -35.48 17.00 -14.94
CA LYS D 74 -35.33 16.33 -13.64
C LYS D 74 -36.63 15.74 -13.14
N SER D 75 -37.77 16.30 -13.55
CA SER D 75 -39.07 15.81 -13.09
C SER D 75 -39.40 14.43 -13.62
N SER D 76 -39.21 14.19 -14.92
CA SER D 76 -39.53 12.91 -15.52
C SER D 76 -38.34 11.95 -15.59
N SER D 77 -37.16 12.38 -15.15
CA SER D 77 -35.95 11.56 -15.20
C SER D 77 -35.67 11.06 -16.62
N THR D 78 -35.66 12.01 -17.54
CA THR D 78 -35.54 11.71 -18.97
C THR D 78 -34.58 12.68 -19.62
N ALA D 79 -33.71 12.17 -20.50
CA ALA D 79 -32.77 12.97 -21.24
C ALA D 79 -33.18 13.03 -22.72
N TYR D 80 -32.87 14.17 -23.34
CA TYR D 80 -33.27 14.43 -24.71
C TYR D 80 -32.05 14.73 -25.56
N MET D 81 -32.12 14.35 -26.83
CA MET D 81 -31.09 14.68 -27.81
C MET D 81 -31.79 15.20 -29.06
N GLN D 82 -31.54 16.46 -29.40
CA GLN D 82 -32.19 17.10 -30.55
C GLN D 82 -31.16 17.30 -31.65
N LEU D 83 -31.48 16.79 -32.84
CA LEU D 83 -30.60 16.92 -34.00
C LEU D 83 -31.18 17.92 -34.98
N SER D 84 -30.31 18.77 -35.53
CA SER D 84 -30.71 19.79 -36.48
C SER D 84 -29.93 19.61 -37.78
N SER D 85 -30.56 20.00 -38.89
CA SER D 85 -29.99 19.89 -40.22
C SER D 85 -29.59 18.44 -40.52
N LEU D 86 -30.60 17.58 -40.59
CA LEU D 86 -30.36 16.17 -40.83
C LEU D 86 -30.05 15.92 -42.31
N THR D 87 -28.99 15.15 -42.55
CA THR D 87 -28.55 14.79 -43.89
C THR D 87 -28.52 13.28 -44.03
N SER D 88 -28.08 12.81 -45.20
CA SER D 88 -28.01 11.37 -45.45
C SER D 88 -26.92 10.69 -44.64
N VAL D 89 -25.83 11.41 -44.32
CA VAL D 89 -24.74 10.82 -43.54
C VAL D 89 -25.01 10.85 -42.04
N ASP D 90 -26.10 11.47 -41.61
CA ASP D 90 -26.44 11.56 -40.20
C ASP D 90 -27.31 10.39 -39.73
N SER D 91 -27.58 9.42 -40.60
CA SER D 91 -28.42 8.27 -40.27
C SER D 91 -27.50 7.19 -39.71
N ALA D 92 -27.71 6.83 -38.45
CA ALA D 92 -26.89 5.83 -37.78
C ALA D 92 -27.63 5.35 -36.53
N VAL D 93 -26.96 4.52 -35.73
CA VAL D 93 -27.51 3.99 -34.50
C VAL D 93 -26.99 4.81 -33.33
N TYR D 94 -27.89 5.24 -32.45
CA TYR D 94 -27.55 6.11 -31.33
C TYR D 94 -27.66 5.34 -30.02
N PHE D 95 -26.74 5.60 -29.10
CA PHE D 95 -26.70 4.94 -27.80
C PHE D 95 -26.88 5.98 -26.68
N CYS D 96 -27.42 5.49 -25.56
CA CYS D 96 -27.59 6.30 -24.35
C CYS D 96 -26.95 5.55 -23.20
N ALA D 97 -25.90 6.14 -22.62
CA ALA D 97 -25.16 5.51 -21.54
C ALA D 97 -24.89 6.52 -20.44
N ARG D 98 -24.49 6.01 -19.28
CA ARG D 98 -24.18 6.84 -18.12
C ARG D 98 -22.73 6.65 -17.73
N ARG D 99 -22.16 7.67 -17.08
CA ARG D 99 -20.78 7.68 -16.65
C ARG D 99 -20.71 7.57 -15.14
N ASP D 100 -19.88 6.66 -14.64
CA ASP D 100 -19.70 6.46 -13.20
C ASP D 100 -18.26 6.71 -12.77
N TYR D 101 -17.36 5.78 -13.07
CA TYR D 101 -15.95 5.90 -12.74
C TYR D 101 -15.18 6.51 -13.91
N GLY D 102 -15.92 6.95 -14.93
CA GLY D 102 -15.31 7.46 -16.15
C GLY D 102 -15.54 6.57 -17.35
N TYR D 103 -15.96 5.33 -17.11
CA TYR D 103 -16.39 4.46 -18.18
C TYR D 103 -17.90 4.54 -18.33
N PHE D 104 -18.45 3.68 -19.20
CA PHE D 104 -19.90 3.62 -19.41
C PHE D 104 -20.39 2.31 -18.80
N ASP D 105 -21.10 2.42 -17.67
CA ASP D 105 -21.49 1.23 -16.92
C ASP D 105 -22.69 0.52 -17.55
N TYR D 106 -23.73 1.29 -17.89
CA TYR D 106 -24.96 0.73 -18.44
C TYR D 106 -25.30 1.45 -19.74
N TRP D 107 -25.71 0.66 -20.74
CA TRP D 107 -26.09 1.16 -22.05
C TRP D 107 -27.60 1.12 -22.22
N GLY D 108 -28.05 1.54 -23.40
CA GLY D 108 -29.45 1.51 -23.76
C GLY D 108 -29.76 0.38 -24.71
N GLN D 109 -31.02 0.32 -25.13
CA GLN D 109 -31.46 -0.72 -26.06
C GLN D 109 -31.05 -0.43 -27.50
N GLY D 110 -30.77 0.82 -27.84
CA GLY D 110 -30.40 1.17 -29.19
C GLY D 110 -31.57 1.71 -30.00
N THR D 111 -31.29 2.61 -30.93
CA THR D 111 -32.32 3.18 -31.79
C THR D 111 -31.78 3.37 -33.20
N THR D 112 -32.71 3.38 -34.16
CA THR D 112 -32.37 3.46 -35.58
C THR D 112 -32.98 4.74 -36.17
N LEU D 113 -32.12 5.57 -36.76
CA LEU D 113 -32.55 6.78 -37.45
C LEU D 113 -32.23 6.64 -38.93
N THR D 114 -33.25 6.75 -39.77
CA THR D 114 -33.10 6.65 -41.22
C THR D 114 -33.56 7.95 -41.84
N VAL D 115 -32.65 8.66 -42.50
CA VAL D 115 -32.92 9.94 -43.12
C VAL D 115 -32.82 9.77 -44.63
N SER D 116 -33.96 9.86 -45.31
CA SER D 116 -33.99 9.72 -46.76
C SER D 116 -35.22 10.43 -47.30
N SER D 117 -35.17 10.76 -48.58
CA SER D 117 -36.28 11.43 -49.26
C SER D 117 -37.22 10.46 -49.97
N ALA D 118 -36.91 9.16 -49.95
CA ALA D 118 -37.75 8.17 -50.60
C ALA D 118 -39.02 7.93 -49.80
N LYS D 119 -40.03 7.42 -50.48
CA LYS D 119 -41.33 7.10 -49.88
C LYS D 119 -41.55 5.59 -49.92
N THR D 120 -42.71 5.17 -49.40
CA THR D 120 -43.04 3.76 -49.38
C THR D 120 -43.48 3.30 -50.76
N THR D 121 -42.83 2.26 -51.28
CA THR D 121 -43.14 1.71 -52.59
C THR D 121 -43.38 0.22 -52.46
N PRO D 122 -44.37 -0.34 -53.15
CA PRO D 122 -44.58 -1.79 -53.12
C PRO D 122 -43.49 -2.51 -53.88
N PRO D 123 -42.96 -3.60 -53.33
CA PRO D 123 -41.92 -4.37 -54.03
C PRO D 123 -42.47 -5.22 -55.16
N SER D 124 -41.59 -5.54 -56.09
CA SER D 124 -41.90 -6.39 -57.24
C SER D 124 -40.83 -7.47 -57.36
N VAL D 125 -41.23 -8.72 -57.22
CA VAL D 125 -40.30 -9.83 -57.27
C VAL D 125 -40.06 -10.24 -58.71
N TYR D 126 -38.81 -10.55 -59.04
CA TYR D 126 -38.44 -10.99 -60.37
C TYR D 126 -37.93 -12.42 -60.31
N PRO D 127 -38.60 -13.37 -60.97
CA PRO D 127 -38.22 -14.78 -60.84
C PRO D 127 -36.91 -15.08 -61.56
N LEU D 128 -36.10 -15.91 -60.91
CA LEU D 128 -34.87 -16.41 -61.52
C LEU D 128 -34.77 -17.90 -61.21
N ALA D 129 -34.76 -18.73 -62.26
CA ALA D 129 -34.56 -20.15 -62.07
C ALA D 129 -33.85 -20.76 -63.28
N PRO D 130 -32.98 -21.77 -63.08
CA PRO D 130 -32.45 -22.56 -64.19
C PRO D 130 -33.53 -23.46 -64.80
N GLY D 131 -33.62 -23.51 -66.13
CA GLY D 131 -32.77 -22.73 -67.00
C GLY D 131 -33.02 -23.07 -68.46
N CYS D 132 -32.58 -22.20 -69.36
CA CYS D 132 -32.78 -22.40 -70.80
C CYS D 132 -31.43 -22.65 -71.48
N GLY D 133 -31.26 -23.89 -71.92
CA GLY D 133 -30.04 -24.28 -72.62
C GLY D 133 -28.98 -24.88 -71.73
N ASP D 134 -29.05 -24.60 -70.43
CA ASP D 134 -28.07 -25.09 -69.46
C ASP D 134 -28.74 -26.06 -68.50
N THR D 135 -28.41 -27.35 -68.63
CA THR D 135 -28.86 -28.35 -67.68
C THR D 135 -27.80 -28.67 -66.62
N THR D 136 -26.62 -28.05 -66.70
CA THR D 136 -25.54 -28.33 -65.78
C THR D 136 -25.64 -27.47 -64.51
N GLY D 137 -25.54 -28.10 -63.34
CA GLY D 137 -25.40 -29.53 -63.22
C GLY D 137 -26.62 -30.22 -62.67
N SER D 138 -26.42 -31.40 -62.07
CA SER D 138 -27.48 -32.14 -61.41
C SER D 138 -27.91 -31.50 -60.09
N SER D 139 -27.17 -30.51 -59.60
CA SER D 139 -27.55 -29.78 -58.40
C SER D 139 -27.34 -28.30 -58.67
N VAL D 140 -28.41 -27.51 -58.62
CA VAL D 140 -28.36 -26.09 -58.90
C VAL D 140 -29.04 -25.33 -57.76
N THR D 141 -28.64 -24.08 -57.58
CA THR D 141 -29.21 -23.23 -56.55
C THR D 141 -30.32 -22.37 -57.14
N LEU D 142 -31.36 -22.15 -56.33
CA LEU D 142 -32.56 -21.44 -56.74
C LEU D 142 -32.82 -20.26 -55.82
N GLY D 143 -33.66 -19.34 -56.27
CA GLY D 143 -33.99 -18.17 -55.49
C GLY D 143 -34.81 -17.20 -56.33
N CYS D 144 -34.97 -16.00 -55.79
CA CYS D 144 -35.64 -14.93 -56.54
C CYS D 144 -35.08 -13.59 -56.08
N LEU D 145 -35.12 -12.62 -56.97
CA LEU D 145 -34.59 -11.28 -56.71
C LEU D 145 -35.73 -10.34 -56.32
N VAL D 146 -35.44 -9.46 -55.36
CA VAL D 146 -36.41 -8.49 -54.87
C VAL D 146 -35.79 -7.10 -55.01
N LYS D 147 -36.59 -6.14 -55.48
CA LYS D 147 -36.09 -4.79 -55.75
C LYS D 147 -37.20 -3.78 -55.46
N GLY D 148 -36.79 -2.57 -55.07
CA GLY D 148 -37.72 -1.47 -54.89
C GLY D 148 -38.68 -1.62 -53.73
N TYR D 149 -38.16 -1.80 -52.53
CA TYR D 149 -38.99 -1.85 -51.33
C TYR D 149 -38.40 -0.95 -50.27
N PHE D 150 -39.26 -0.15 -49.65
CA PHE D 150 -38.84 0.78 -48.60
C PHE D 150 -39.86 0.79 -47.46
N PRO D 151 -39.38 0.82 -46.20
CA PRO D 151 -37.97 0.71 -45.81
C PRO D 151 -37.53 -0.74 -45.61
N GLU D 152 -36.29 -0.94 -45.17
CA GLU D 152 -35.77 -2.27 -44.90
C GLU D 152 -36.24 -2.75 -43.52
N SER D 153 -36.54 -4.05 -43.41
CA SER D 153 -36.45 -4.99 -44.53
C SER D 153 -37.67 -5.91 -44.56
N VAL D 154 -37.65 -6.87 -45.49
CA VAL D 154 -38.73 -7.84 -45.63
C VAL D 154 -38.15 -9.25 -45.51
N THR D 155 -39.00 -10.17 -45.09
CA THR D 155 -38.62 -11.58 -44.95
C THR D 155 -39.20 -12.37 -46.12
N VAL D 156 -38.46 -13.39 -46.55
CA VAL D 156 -38.87 -14.22 -47.68
C VAL D 156 -39.17 -15.62 -47.18
N THR D 157 -40.44 -16.01 -47.20
CA THR D 157 -40.84 -17.35 -46.82
C THR D 157 -40.68 -18.31 -47.99
N TRP D 158 -40.31 -19.55 -47.66
CA TRP D 158 -40.12 -20.59 -48.68
C TRP D 158 -41.02 -21.78 -48.30
N ASN D 159 -42.04 -22.02 -49.14
CA ASN D 159 -42.99 -23.11 -48.94
C ASN D 159 -43.54 -23.12 -47.51
N SER D 160 -43.94 -21.93 -47.05
CA SER D 160 -44.41 -21.73 -45.68
C SER D 160 -43.38 -22.20 -44.66
N GLY D 161 -42.11 -21.96 -44.94
CA GLY D 161 -41.05 -22.36 -44.04
C GLY D 161 -40.80 -23.86 -43.99
N SER D 162 -40.79 -24.52 -45.14
CA SER D 162 -40.58 -25.97 -45.17
C SER D 162 -39.15 -26.33 -44.80
N LEU D 163 -38.17 -25.77 -45.50
CA LEU D 163 -36.76 -26.03 -45.24
C LEU D 163 -36.04 -24.69 -45.11
N SER D 164 -35.58 -24.38 -43.90
CA SER D 164 -34.80 -23.17 -43.65
C SER D 164 -33.30 -23.40 -43.59
N SER D 165 -32.83 -24.64 -43.73
CA SER D 165 -31.43 -24.94 -43.49
C SER D 165 -30.51 -24.41 -44.58
N SER D 166 -30.78 -24.72 -45.84
CA SER D 166 -29.88 -24.36 -46.94
C SER D 166 -30.17 -22.99 -47.54
N VAL D 167 -31.25 -22.32 -47.13
CA VAL D 167 -31.55 -20.99 -47.63
C VAL D 167 -30.73 -19.97 -46.85
N HIS D 168 -30.29 -18.91 -47.54
CA HIS D 168 -29.47 -17.87 -46.95
C HIS D 168 -30.16 -16.53 -47.16
N THR D 169 -30.32 -15.77 -46.09
CA THR D 169 -30.92 -14.44 -46.17
C THR D 169 -29.83 -13.39 -46.28
N PHE D 170 -29.76 -12.71 -47.43
CA PHE D 170 -28.74 -11.72 -47.74
C PHE D 170 -29.19 -10.33 -47.32
N PRO D 171 -28.28 -9.53 -46.77
CA PRO D 171 -28.66 -8.17 -46.35
C PRO D 171 -28.91 -7.27 -47.55
N ALA D 172 -29.68 -6.21 -47.30
CA ALA D 172 -30.07 -5.28 -48.34
C ALA D 172 -29.04 -4.16 -48.50
N LEU D 173 -28.83 -3.74 -49.75
CA LEU D 173 -27.95 -2.63 -50.07
C LEU D 173 -28.73 -1.59 -50.87
N LEU D 174 -28.52 -0.32 -50.52
CA LEU D 174 -29.25 0.76 -51.17
C LEU D 174 -28.70 1.02 -52.56
N GLN D 175 -29.59 1.01 -53.55
CA GLN D 175 -29.23 1.32 -54.93
C GLN D 175 -30.31 2.20 -55.53
N SER D 176 -29.89 3.34 -56.09
CA SER D 176 -30.81 4.30 -56.70
C SER D 176 -31.90 4.74 -55.72
N GLY D 177 -31.54 4.83 -54.43
CA GLY D 177 -32.46 5.26 -53.40
C GLY D 177 -33.36 4.17 -52.84
N LEU D 178 -33.32 2.97 -53.41
CA LEU D 178 -34.16 1.88 -52.96
C LEU D 178 -33.30 0.68 -52.59
N TYR D 179 -33.83 -0.16 -51.70
CA TYR D 179 -33.12 -1.33 -51.20
C TYR D 179 -33.34 -2.53 -52.11
N THR D 180 -32.27 -3.30 -52.30
CA THR D 180 -32.30 -4.52 -53.11
C THR D 180 -31.75 -5.67 -52.31
N MET D 181 -32.39 -6.83 -52.42
CA MET D 181 -31.95 -8.02 -51.71
C MET D 181 -32.07 -9.23 -52.64
N SER D 182 -31.45 -10.33 -52.23
CA SER D 182 -31.46 -11.57 -53.00
C SER D 182 -31.50 -12.75 -52.04
N SER D 183 -31.87 -13.91 -52.58
CA SER D 183 -31.92 -15.14 -51.79
C SER D 183 -31.45 -16.29 -52.66
N SER D 184 -30.80 -17.27 -52.01
CA SER D 184 -30.26 -18.41 -52.71
C SER D 184 -30.49 -19.67 -51.89
N VAL D 185 -31.00 -20.71 -52.55
CA VAL D 185 -31.20 -22.01 -51.92
C VAL D 185 -30.93 -23.08 -52.97
N THR D 186 -30.24 -24.14 -52.56
CA THR D 186 -29.82 -25.19 -53.47
C THR D 186 -30.81 -26.35 -53.44
N VAL D 187 -31.14 -26.86 -54.61
CA VAL D 187 -32.05 -28.00 -54.75
C VAL D 187 -31.47 -28.95 -55.81
N PRO D 188 -31.52 -30.26 -55.60
CA PRO D 188 -31.07 -31.18 -56.65
C PRO D 188 -32.02 -31.18 -57.84
N SER D 189 -31.47 -31.54 -59.00
CA SER D 189 -32.26 -31.63 -60.22
C SER D 189 -33.11 -32.89 -60.29
N SER D 190 -32.92 -33.83 -59.36
CA SER D 190 -33.77 -35.01 -59.31
C SER D 190 -35.16 -34.71 -58.78
N THR D 191 -35.28 -33.87 -57.75
CA THR D 191 -36.57 -33.47 -57.20
C THR D 191 -37.09 -32.18 -57.80
N TRP D 192 -36.40 -31.61 -58.77
CA TRP D 192 -36.84 -30.38 -59.43
C TRP D 192 -36.96 -30.60 -60.93
N PRO D 193 -38.01 -30.04 -61.56
CA PRO D 193 -39.10 -29.31 -60.92
C PRO D 193 -40.30 -30.18 -60.54
N SER D 194 -40.10 -31.18 -59.68
CA SER D 194 -41.22 -31.99 -59.25
C SER D 194 -42.10 -31.24 -58.25
N GLN D 195 -41.49 -30.62 -57.25
CA GLN D 195 -42.18 -29.75 -56.30
C GLN D 195 -41.88 -28.30 -56.65
N THR D 196 -42.94 -27.49 -56.75
CA THR D 196 -42.78 -26.10 -57.16
C THR D 196 -42.32 -25.26 -55.97
N VAL D 197 -41.16 -24.60 -56.12
CA VAL D 197 -40.65 -23.75 -55.05
C VAL D 197 -41.32 -22.38 -55.12
N THR D 198 -41.52 -21.78 -53.96
CA THR D 198 -42.22 -20.51 -53.85
C THR D 198 -41.46 -19.58 -52.91
N CYS D 199 -41.24 -18.34 -53.36
CA CYS D 199 -40.69 -17.29 -52.51
C CYS D 199 -41.72 -16.18 -52.39
N SER D 200 -41.97 -15.74 -51.16
CA SER D 200 -42.96 -14.71 -50.92
C SER D 200 -42.43 -13.70 -49.92
N VAL D 201 -42.35 -12.43 -50.34
CA VAL D 201 -41.97 -11.36 -49.42
C VAL D 201 -43.17 -10.92 -48.60
N ALA D 202 -42.89 -10.40 -47.40
CA ALA D 202 -43.92 -9.85 -46.51
C ALA D 202 -43.47 -8.46 -46.10
N HIS D 203 -44.21 -7.45 -46.54
CA HIS D 203 -43.89 -6.06 -46.21
C HIS D 203 -45.01 -5.47 -45.35
N PRO D 204 -44.79 -5.25 -44.05
CA PRO D 204 -45.86 -4.71 -43.20
C PRO D 204 -46.27 -3.28 -43.51
N ALA D 205 -45.33 -2.42 -43.92
CA ALA D 205 -45.64 -1.01 -44.08
C ALA D 205 -46.58 -0.77 -45.27
N SER D 206 -46.22 -1.27 -46.43
CA SER D 206 -47.02 -1.08 -47.63
C SER D 206 -48.18 -2.07 -47.74
N SER D 207 -48.25 -3.06 -46.86
CA SER D 207 -49.31 -4.07 -46.86
C SER D 207 -49.40 -4.77 -48.21
N THR D 208 -48.24 -5.11 -48.77
CA THR D 208 -48.14 -5.77 -50.07
C THR D 208 -47.36 -7.07 -49.90
N THR D 209 -48.03 -8.20 -50.12
CA THR D 209 -47.42 -9.53 -50.05
C THR D 209 -47.75 -10.23 -51.36
N VAL D 210 -46.72 -10.53 -52.15
CA VAL D 210 -46.90 -11.14 -53.47
C VAL D 210 -46.45 -12.59 -53.41
N ASP D 211 -47.18 -13.46 -54.10
CA ASP D 211 -46.83 -14.87 -54.21
C ASP D 211 -46.45 -15.19 -55.64
N LYS D 212 -45.44 -16.05 -55.80
CA LYS D 212 -44.91 -16.38 -57.10
C LYS D 212 -44.57 -17.86 -57.16
N LYS D 213 -44.95 -18.50 -58.26
CA LYS D 213 -44.71 -19.92 -58.47
C LYS D 213 -43.73 -20.13 -59.61
N LEU D 214 -42.97 -21.22 -59.51
CA LEU D 214 -41.98 -21.57 -60.53
C LEU D 214 -42.12 -23.03 -60.93
N GLY E 1 8.41 -0.85 78.78
CA GLY E 1 8.38 -0.39 77.40
C GLY E 1 7.14 0.41 77.07
N ILE E 2 7.17 1.09 75.93
CA ILE E 2 6.06 1.91 75.47
C ILE E 2 4.91 1.00 75.07
N PRO E 3 3.70 1.20 75.61
CA PRO E 3 2.55 0.37 75.20
C PRO E 3 2.25 0.57 73.72
N THR E 4 2.09 -0.54 73.01
CA THR E 4 1.83 -0.52 71.57
C THR E 4 0.54 -1.25 71.26
N GLU E 5 -0.03 -0.95 70.10
CA GLU E 5 -1.30 -1.52 69.66
C GLU E 5 -1.19 -1.95 68.21
N LEU E 6 -1.41 -3.23 67.96
CA LEU E 6 -1.38 -3.74 66.58
C LEU E 6 -2.74 -3.57 65.91
N LYS E 7 -2.70 -3.20 64.64
CA LYS E 7 -3.88 -2.98 63.82
C LYS E 7 -3.87 -3.93 62.63
N PRO E 8 -5.03 -4.18 62.01
CA PRO E 8 -5.06 -5.04 60.83
C PRO E 8 -4.16 -4.49 59.73
N GLY E 9 -3.55 -5.40 58.97
CA GLY E 9 -2.62 -5.00 57.93
C GLY E 9 -1.17 -5.21 58.33
N THR E 10 -0.94 -5.85 59.46
CA THR E 10 0.42 -6.18 59.85
C THR E 10 0.91 -7.41 59.10
N ASN E 11 2.23 -7.49 58.91
CA ASN E 11 2.88 -8.63 58.28
C ASN E 11 2.42 -8.83 56.84
N GLN E 12 2.09 -7.73 56.15
CA GLN E 12 1.68 -7.78 54.75
C GLN E 12 2.68 -7.00 53.91
N PHE E 13 2.72 -7.33 52.62
CA PHE E 13 3.57 -6.63 51.66
C PHE E 13 2.70 -6.03 50.57
N LEU E 14 2.65 -4.70 50.53
CA LEU E 14 2.00 -3.97 49.45
C LEU E 14 3.05 -3.51 48.45
N THR E 15 2.89 -3.94 47.20
CA THR E 15 3.88 -3.67 46.17
C THR E 15 4.03 -2.18 45.86
N THR E 16 2.95 -1.40 46.00
CA THR E 16 3.00 0.03 45.75
C THR E 16 3.34 0.84 46.99
N ASP E 17 3.40 0.19 48.16
CA ASP E 17 3.74 0.87 49.40
C ASP E 17 5.20 1.30 49.35
N ASP E 18 5.45 2.54 49.73
CA ASP E 18 6.80 3.11 49.73
C ASP E 18 7.29 3.13 51.18
N GLY E 19 8.22 2.21 51.48
CA GLY E 19 8.73 2.05 52.82
C GLY E 19 10.18 2.49 52.96
N VAL E 20 10.77 2.10 54.09
CA VAL E 20 12.17 2.35 54.40
C VAL E 20 12.77 1.05 54.89
N SER E 21 13.75 0.51 54.17
CA SER E 21 14.39 -0.75 54.51
C SER E 21 15.78 -0.50 55.08
N ALA E 22 16.47 -1.61 55.44
CA ALA E 22 17.79 -1.60 56.05
C ALA E 22 18.88 -1.71 55.00
N PRO E 23 19.86 -0.81 55.03
CA PRO E 23 20.96 -0.87 54.05
C PRO E 23 21.91 -2.01 54.33
N ILE E 24 22.37 -2.64 53.25
CA ILE E 24 23.33 -3.73 53.35
C ILE E 24 24.78 -3.26 53.24
N LEU E 25 25.02 -2.00 52.90
CA LEU E 25 26.38 -1.46 52.77
C LEU E 25 26.45 -0.12 53.49
N PRO E 26 26.81 -0.09 54.78
CA PRO E 26 26.78 1.16 55.54
C PRO E 26 27.68 2.22 54.90
N GLY E 27 27.11 3.42 54.72
CA GLY E 27 27.84 4.54 54.17
C GLY E 27 28.42 4.33 52.79
N PHE E 28 27.80 3.48 51.96
CA PHE E 28 28.33 3.19 50.63
C PHE E 28 28.22 4.42 49.75
N HIS E 29 29.35 4.82 49.15
CA HIS E 29 29.38 6.01 48.31
C HIS E 29 29.48 5.61 46.85
N PRO E 30 28.42 5.78 46.08
CA PRO E 30 28.45 5.41 44.66
C PRO E 30 29.38 6.30 43.85
N THR E 31 29.37 6.05 42.55
CA THR E 31 30.19 6.84 41.64
C THR E 31 29.55 8.20 41.40
N PRO E 32 30.33 9.28 41.48
CA PRO E 32 29.79 10.62 41.20
C PRO E 32 29.26 10.71 39.78
N PRO E 33 28.05 11.22 39.60
CA PRO E 33 27.46 11.27 38.25
C PRO E 33 28.09 12.37 37.39
N ILE E 34 27.92 12.21 36.09
CA ILE E 34 28.39 13.18 35.12
C ILE E 34 27.17 13.78 34.41
N HIS E 35 27.45 14.63 33.42
CA HIS E 35 26.39 15.27 32.66
C HIS E 35 26.10 14.44 31.42
N ILE E 36 24.92 13.82 31.38
CA ILE E 36 24.48 13.00 30.26
C ILE E 36 23.36 13.74 29.54
N PRO E 37 23.48 14.00 28.25
CA PRO E 37 22.41 14.70 27.52
C PRO E 37 21.12 13.89 27.52
N GLY E 38 20.01 14.61 27.33
CA GLY E 38 18.71 13.97 27.21
C GLY E 38 18.08 13.52 28.51
N GLU E 39 18.15 14.31 29.57
CA GLU E 39 17.53 13.95 30.83
C GLU E 39 16.02 14.15 30.74
N VAL E 40 15.27 13.09 31.00
CA VAL E 40 13.81 13.11 30.89
C VAL E 40 13.22 12.77 32.25
N ARG E 41 12.57 13.77 32.87
CA ARG E 41 11.95 13.59 34.17
C ARG E 41 10.45 13.30 34.11
N ASN E 42 9.85 13.30 32.93
CA ASN E 42 8.42 13.08 32.81
C ASN E 42 8.14 12.39 31.48
N LEU E 43 7.16 11.49 31.50
CA LEU E 43 6.78 10.74 30.30
C LEU E 43 6.01 11.57 29.29
N LEU E 44 5.59 12.78 29.65
CA LEU E 44 4.87 13.64 28.72
C LEU E 44 5.74 14.16 27.59
N GLU E 45 7.02 14.44 27.85
CA GLU E 45 7.93 14.90 26.82
C GLU E 45 8.08 13.91 25.68
N ILE E 46 7.93 12.62 25.95
CA ILE E 46 7.98 11.62 24.89
C ILE E 46 6.67 11.59 24.10
N CYS E 47 5.55 11.91 24.76
CA CYS E 47 4.26 11.92 24.09
C CYS E 47 4.03 13.16 23.24
N ARG E 48 4.87 14.18 23.37
CA ARG E 48 4.69 15.44 22.66
C ARG E 48 5.47 15.52 21.36
N VAL E 49 6.25 14.49 21.02
CA VAL E 49 7.03 14.47 19.79
C VAL E 49 6.24 13.74 18.72
N GLU E 50 6.35 14.23 17.48
CA GLU E 50 5.61 13.66 16.36
C GLU E 50 6.17 12.28 16.02
N THR E 51 5.31 11.28 15.99
CA THR E 51 5.67 9.93 15.59
C THR E 51 4.74 9.45 14.48
N ILE E 52 5.22 8.48 13.72
CA ILE E 52 4.49 8.04 12.53
C ILE E 52 3.22 7.31 12.95
N LEU E 53 2.09 7.78 12.45
CA LEU E 53 0.80 7.15 12.65
C LEU E 53 0.43 6.38 11.39
N GLU E 54 0.13 5.09 11.53
CA GLU E 54 -0.18 4.26 10.38
C GLU E 54 -1.69 4.27 10.17
N VAL E 55 -2.11 4.98 9.12
CA VAL E 55 -3.54 5.06 8.81
C VAL E 55 -4.00 3.84 8.04
N ASN E 56 -3.18 3.37 7.10
CA ASN E 56 -3.53 2.22 6.27
C ASN E 56 -3.02 0.92 6.90
N ASN E 57 -3.98 0.12 7.35
CA ASN E 57 -3.69 -1.21 7.91
C ASN E 57 -4.65 -2.24 7.31
N LEU E 58 -4.06 -3.18 6.59
CA LEU E 58 -4.84 -4.18 5.88
C LEU E 58 -4.27 -5.58 6.11
N LYS E 59 -5.14 -6.58 5.95
CA LYS E 59 -4.70 -7.96 6.07
C LYS E 59 -3.79 -8.38 4.92
N THR E 60 -3.85 -7.69 3.80
CA THR E 60 -2.97 -7.97 2.66
C THR E 60 -1.58 -7.39 2.83
N ASN E 61 -1.41 -6.40 3.71
CA ASN E 61 -0.12 -5.75 3.94
C ASN E 61 0.65 -6.40 5.08
N GLU E 62 0.14 -7.48 5.67
CA GLU E 62 0.85 -8.16 6.75
C GLU E 62 2.17 -8.76 6.28
N THR E 63 2.28 -9.11 5.00
CA THR E 63 3.53 -9.67 4.49
C THR E 63 4.57 -8.59 4.26
N THR E 64 4.14 -7.36 3.94
CA THR E 64 5.04 -6.23 3.71
C THR E 64 4.66 -5.12 4.68
N PRO E 65 5.20 -5.15 5.90
CA PRO E 65 4.85 -4.13 6.90
C PRO E 65 5.25 -2.71 6.51
N MET E 66 6.17 -2.54 5.57
CA MET E 66 6.62 -1.21 5.18
C MET E 66 5.53 -0.39 4.49
N GLN E 67 4.51 -1.04 3.92
CA GLN E 67 3.42 -0.31 3.27
C GLN E 67 2.44 0.28 4.28
N ARG E 68 2.56 -0.03 5.56
CA ARG E 68 1.68 0.50 6.59
C ARG E 68 1.94 1.96 6.90
N LEU E 69 3.13 2.48 6.57
CA LEU E 69 3.52 3.81 7.01
C LEU E 69 2.85 4.93 6.23
N CYS E 70 2.23 4.64 5.09
CA CYS E 70 1.62 5.67 4.26
C CYS E 70 0.44 5.09 3.50
N PHE E 71 -0.41 5.99 2.99
CA PHE E 71 -1.55 5.62 2.19
C PHE E 71 -1.52 6.34 0.85
N PRO E 72 -1.93 5.68 -0.23
CA PRO E 72 -1.80 6.28 -1.56
C PRO E 72 -2.86 7.34 -1.84
N VAL E 73 -2.53 8.20 -2.79
CA VAL E 73 -3.44 9.21 -3.31
C VAL E 73 -3.17 9.38 -4.80
N SER E 74 -4.24 9.52 -5.59
CA SER E 74 -4.11 9.58 -7.04
C SER E 74 -5.24 10.43 -7.61
N VAL E 75 -5.34 10.43 -8.93
CA VAL E 75 -6.35 11.21 -9.64
C VAL E 75 -7.69 10.51 -9.53
N GLN E 76 -8.74 11.29 -9.22
CA GLN E 76 -10.08 10.75 -9.06
C GLN E 76 -10.99 11.23 -10.20
N SER E 77 -11.87 10.33 -10.63
CA SER E 77 -12.82 10.63 -11.69
C SER E 77 -14.16 11.15 -11.17
N LYS E 78 -14.37 11.14 -9.85
CA LYS E 78 -15.62 11.59 -9.28
C LYS E 78 -15.40 12.67 -8.23
N THR E 79 -16.46 13.08 -7.54
CA THR E 79 -16.41 14.15 -6.56
C THR E 79 -16.51 13.58 -5.15
N GLY E 80 -15.57 13.94 -4.30
CA GLY E 80 -15.65 13.65 -2.88
C GLY E 80 -15.56 12.19 -2.49
N GLU E 81 -14.50 11.50 -2.91
CA GLU E 81 -14.23 10.16 -2.45
C GLU E 81 -13.58 10.22 -1.07
N LEU E 82 -13.84 9.20 -0.26
CA LEU E 82 -13.24 9.10 1.06
C LEU E 82 -11.88 8.43 0.93
N CYS E 83 -10.82 9.16 1.28
CA CYS E 83 -9.47 8.60 1.16
C CYS E 83 -9.16 7.64 2.30
N ALA E 84 -9.43 8.06 3.53
CA ALA E 84 -9.16 7.23 4.70
C ALA E 84 -10.01 7.71 5.87
N ALA E 85 -10.19 6.81 6.84
CA ALA E 85 -10.88 7.13 8.08
C ALA E 85 -10.32 6.25 9.18
N PHE E 86 -10.23 6.81 10.40
CA PHE E 86 -9.71 6.05 11.53
C PHE E 86 -10.22 6.66 12.82
N ARG E 87 -10.17 5.87 13.89
CA ARG E 87 -10.63 6.29 15.20
C ARG E 87 -9.65 7.30 15.81
N ALA E 88 -10.20 8.19 16.65
CA ALA E 88 -9.43 9.22 17.31
C ALA E 88 -8.99 8.84 18.71
N ASP E 89 -9.31 7.63 19.17
CA ASP E 89 -8.96 7.23 20.52
C ASP E 89 -7.55 6.66 20.55
N PRO E 90 -6.61 7.27 21.28
CA PRO E 90 -5.24 6.75 21.29
C PRO E 90 -5.09 5.42 22.01
N GLY E 91 -5.98 5.07 22.92
CA GLY E 91 -5.84 3.84 23.69
C GLY E 91 -6.68 2.69 23.17
N ARG E 92 -7.11 2.77 21.91
CA ARG E 92 -7.91 1.73 21.29
C ARG E 92 -7.08 0.97 20.27
N ASP E 93 -7.34 -0.33 20.16
CA ASP E 93 -6.66 -1.16 19.17
C ASP E 93 -6.95 -0.62 17.77
N GLY E 94 -5.89 -0.35 17.02
CA GLY E 94 -6.03 0.28 15.73
C GLY E 94 -4.80 1.05 15.32
N PRO E 95 -4.99 2.07 14.47
CA PRO E 95 -3.85 2.87 13.99
C PRO E 95 -2.99 3.46 15.10
N TRP E 96 -3.58 3.83 16.23
CA TRP E 96 -2.85 4.54 17.28
C TRP E 96 -1.85 3.68 18.02
N GLN E 97 -1.82 2.37 17.78
CA GLN E 97 -0.85 1.51 18.45
C GLN E 97 0.56 1.69 17.92
N SER E 98 0.72 2.25 16.72
CA SER E 98 2.04 2.45 16.14
C SER E 98 2.78 3.64 16.74
N THR E 99 2.06 4.68 17.18
CA THR E 99 2.68 5.87 17.74
C THR E 99 3.14 5.61 19.16
N ILE E 100 4.14 6.39 19.60
CA ILE E 100 4.61 6.30 20.97
C ILE E 100 3.58 6.86 21.94
N LEU E 101 2.67 7.70 21.47
CA LEU E 101 1.63 8.24 22.33
C LEU E 101 0.71 7.13 22.84
N GLY E 102 0.18 6.32 21.93
CA GLY E 102 -0.70 5.23 22.33
C GLY E 102 0.00 4.17 23.15
N GLN E 103 1.27 3.88 22.83
CA GLN E 103 2.02 2.89 23.59
C GLN E 103 2.19 3.31 25.05
N LEU E 104 2.61 4.55 25.28
CA LEU E 104 2.68 5.07 26.65
C LEU E 104 1.30 5.33 27.25
N CYS E 105 0.27 5.50 26.40
CA CYS E 105 -1.08 5.68 26.91
C CYS E 105 -1.69 4.38 27.40
N ARG E 106 -1.21 3.23 26.93
CA ARG E 106 -1.73 1.95 27.40
C ARG E 106 -1.28 1.61 28.81
N TYR E 107 -0.16 2.16 29.27
CA TYR E 107 0.24 2.05 30.67
C TYR E 107 -0.77 2.70 31.60
N TYR E 108 -1.57 3.63 31.12
CA TYR E 108 -2.47 4.42 31.94
C TYR E 108 -3.91 4.17 31.50
N THR E 109 -4.85 4.45 32.40
CA THR E 109 -6.26 4.23 32.14
C THR E 109 -6.97 5.50 31.67
N GLN E 110 -7.08 6.51 32.52
CA GLN E 110 -7.81 7.73 32.23
C GLN E 110 -6.87 8.76 31.61
N TRP E 111 -7.24 9.25 30.43
CA TRP E 111 -6.44 10.22 29.71
C TRP E 111 -7.29 11.45 29.40
N SER E 112 -6.62 12.59 29.29
CA SER E 112 -7.29 13.85 29.01
C SER E 112 -6.36 14.75 28.22
N GLY E 113 -6.95 15.78 27.62
CA GLY E 113 -6.22 16.76 26.83
C GLY E 113 -6.48 16.60 25.34
N SER E 114 -6.10 17.63 24.61
CA SER E 114 -6.29 17.70 23.17
C SER E 114 -5.06 17.17 22.44
N LEU E 115 -5.30 16.49 21.33
CA LEU E 115 -4.25 15.86 20.54
C LEU E 115 -4.10 16.57 19.21
N GLU E 116 -3.16 16.08 18.41
CA GLU E 116 -2.89 16.65 17.09
C GLU E 116 -2.41 15.56 16.16
N VAL E 117 -2.79 15.67 14.89
CA VAL E 117 -2.43 14.72 13.85
C VAL E 117 -1.84 15.50 12.68
N THR E 118 -0.63 15.12 12.25
CA THR E 118 0.08 15.83 11.21
C THR E 118 0.20 14.94 9.98
N PHE E 119 -0.11 15.51 8.81
CA PHE E 119 0.03 14.83 7.53
C PHE E 119 1.23 15.41 6.79
N MET E 120 1.94 14.55 6.05
CA MET E 120 3.11 14.96 5.29
C MET E 120 2.94 14.54 3.84
N PHE E 121 3.23 15.45 2.92
CA PHE E 121 3.05 15.20 1.50
C PHE E 121 4.39 14.90 0.84
N ALA E 122 4.55 13.64 0.43
CA ALA E 122 5.79 13.12 -0.13
C ALA E 122 5.77 13.18 -1.66
N GLY E 123 4.70 13.74 -2.22
CA GLY E 123 4.54 13.81 -3.65
C GLY E 123 5.52 14.76 -4.31
N SER E 124 5.38 14.89 -5.63
CA SER E 124 6.29 15.70 -6.42
C SER E 124 6.01 17.19 -6.18
N PHE E 125 7.02 18.01 -6.49
CA PHE E 125 6.91 19.45 -6.27
C PHE E 125 5.90 20.11 -7.20
N MET E 126 5.78 19.62 -8.44
CA MET E 126 4.89 20.24 -9.40
C MET E 126 3.47 19.70 -9.37
N ALA E 127 3.19 18.73 -8.51
CA ALA E 127 1.84 18.20 -8.36
C ALA E 127 1.06 19.01 -7.34
N THR E 128 -0.10 19.52 -7.76
CA THR E 128 -0.91 20.36 -6.88
C THR E 128 -2.25 19.70 -6.57
N GLY E 129 -3.05 20.35 -5.75
CA GLY E 129 -4.35 19.84 -5.35
C GLY E 129 -4.71 20.32 -3.96
N LYS E 130 -5.88 19.87 -3.51
CA LYS E 130 -6.37 20.25 -2.20
C LYS E 130 -7.09 19.09 -1.54
N MET E 131 -7.06 19.06 -0.21
CA MET E 131 -7.67 18.01 0.57
C MET E 131 -8.56 18.63 1.65
N LEU E 132 -9.56 17.86 2.09
CA LEU E 132 -10.44 18.27 3.17
C LEU E 132 -10.30 17.26 4.30
N ILE E 133 -9.73 17.70 5.42
CA ILE E 133 -9.50 16.84 6.57
C ILE E 133 -10.47 17.28 7.67
N ALA E 134 -11.45 16.43 7.96
CA ALA E 134 -12.52 16.76 8.89
C ALA E 134 -12.47 15.87 10.13
N TYR E 135 -13.00 16.39 11.23
CA TYR E 135 -13.10 15.67 12.49
C TYR E 135 -14.56 15.68 12.94
N THR E 136 -15.13 14.48 13.11
CA THR E 136 -16.53 14.37 13.51
C THR E 136 -16.65 14.15 15.00
N PRO E 137 -17.44 14.95 15.70
CA PRO E 137 -17.65 14.75 17.14
C PRO E 137 -18.31 13.41 17.40
N PRO E 138 -18.26 12.90 18.64
CA PRO E 138 -18.86 11.60 18.94
C PRO E 138 -20.34 11.56 18.58
N GLY E 139 -20.81 10.37 18.25
CA GLY E 139 -22.19 10.13 17.85
C GLY E 139 -22.37 9.95 16.37
N GLY E 140 -21.45 10.47 15.54
CA GLY E 140 -21.52 10.30 14.11
C GLY E 140 -20.82 9.03 13.65
N SER E 141 -21.33 8.46 12.57
CA SER E 141 -20.71 7.32 11.91
C SER E 141 -19.78 7.83 10.80
N VAL E 142 -19.29 6.93 9.98
CA VAL E 142 -18.48 7.33 8.82
C VAL E 142 -19.38 8.10 7.84
N PRO E 143 -19.09 9.37 7.56
CA PRO E 143 -19.97 10.13 6.66
C PRO E 143 -19.97 9.54 5.25
N ALA E 144 -21.19 9.42 4.69
CA ALA E 144 -21.33 8.85 3.36
C ALA E 144 -20.81 9.80 2.28
N ASP E 145 -21.09 11.10 2.39
CA ASP E 145 -20.66 12.08 1.42
C ASP E 145 -19.84 13.16 2.12
N ARG E 146 -19.38 14.13 1.33
CA ARG E 146 -18.62 15.25 1.86
C ARG E 146 -19.50 16.29 2.53
N ILE E 147 -20.75 16.42 2.09
CA ILE E 147 -21.68 17.38 2.71
C ILE E 147 -22.01 16.95 4.13
N THR E 148 -21.90 15.65 4.43
CA THR E 148 -22.17 15.19 5.79
C THR E 148 -20.98 15.43 6.71
N ALA E 149 -19.76 15.19 6.22
CA ALA E 149 -18.56 15.32 7.04
C ALA E 149 -18.20 16.77 7.35
N MET E 150 -18.47 17.69 6.43
CA MET E 150 -18.18 19.10 6.63
C MET E 150 -18.91 19.72 7.81
N LEU E 151 -19.97 19.08 8.31
CA LEU E 151 -20.75 19.64 9.41
C LEU E 151 -19.95 19.77 10.70
N GLY E 152 -18.80 19.12 10.82
CA GLY E 152 -17.96 19.21 11.99
C GLY E 152 -16.76 20.11 11.77
N THR E 153 -15.69 19.84 12.51
CA THR E 153 -14.46 20.60 12.41
C THR E 153 -13.63 20.07 11.24
N HIS E 154 -13.32 20.93 10.28
CA HIS E 154 -12.55 20.56 9.11
C HIS E 154 -11.51 21.63 8.79
N VAL E 155 -10.57 21.28 7.93
CA VAL E 155 -9.49 22.16 7.52
C VAL E 155 -9.19 21.94 6.05
N ILE E 156 -8.81 23.01 5.35
CA ILE E 156 -8.48 22.98 3.93
C ILE E 156 -6.99 23.23 3.78
N TRP E 157 -6.34 22.45 2.93
CA TRP E 157 -4.89 22.47 2.79
C TRP E 157 -4.49 22.22 1.34
N ASP E 158 -3.33 22.76 0.95
CA ASP E 158 -2.86 22.75 -0.43
C ASP E 158 -1.57 21.95 -0.54
N PHE E 159 -1.36 21.36 -1.71
CA PHE E 159 -0.17 20.55 -1.96
C PHE E 159 1.06 21.38 -2.31
N GLY E 160 0.88 22.42 -3.13
CA GLY E 160 2.01 22.99 -3.85
C GLY E 160 3.05 23.66 -2.96
N LEU E 161 2.65 24.67 -2.19
CA LEU E 161 3.61 25.47 -1.45
C LEU E 161 3.74 25.06 0.01
N GLN E 162 3.02 24.04 0.46
CA GLN E 162 3.12 23.59 1.84
C GLN E 162 3.25 22.08 1.87
N SER E 163 4.17 21.58 2.70
CA SER E 163 4.45 20.16 2.78
C SER E 163 3.76 19.44 3.93
N SER E 164 3.02 20.15 4.78
CA SER E 164 2.43 19.54 5.96
C SER E 164 1.14 20.26 6.36
N VAL E 165 0.29 19.54 7.10
CA VAL E 165 -0.93 20.10 7.68
C VAL E 165 -1.13 19.43 9.04
N THR E 166 -1.56 20.23 10.00
CA THR E 166 -1.78 19.75 11.37
C THR E 166 -3.24 19.96 11.74
N LEU E 167 -3.95 18.85 11.97
CA LEU E 167 -5.33 18.88 12.42
C LEU E 167 -5.31 18.78 13.95
N VAL E 168 -5.68 19.87 14.62
CA VAL E 168 -5.78 19.86 16.07
C VAL E 168 -7.11 19.25 16.47
N VAL E 169 -7.06 18.17 17.23
CA VAL E 169 -8.27 17.50 17.70
C VAL E 169 -8.68 18.16 19.01
N PRO E 170 -9.77 18.91 19.03
CA PRO E 170 -10.20 19.58 20.27
C PRO E 170 -10.69 18.57 21.30
N TRP E 171 -10.76 19.03 22.54
CA TRP E 171 -11.24 18.19 23.62
C TRP E 171 -12.73 18.42 23.77
N ILE E 172 -13.53 17.43 23.37
CA ILE E 172 -14.97 17.45 23.52
C ILE E 172 -15.35 16.22 24.34
N SER E 173 -15.78 16.45 25.57
CA SER E 173 -16.11 15.33 26.45
C SER E 173 -17.13 15.77 27.48
N ASN E 174 -17.91 14.80 27.95
CA ASN E 174 -18.78 15.00 29.10
C ASN E 174 -18.03 14.92 30.42
N THR E 175 -16.96 14.14 30.49
CA THR E 175 -16.19 13.94 31.71
C THR E 175 -14.80 14.54 31.55
N HIS E 176 -14.21 14.91 32.69
CA HIS E 176 -12.86 15.49 32.68
C HIS E 176 -11.82 14.49 32.20
N TYR E 177 -12.09 13.19 32.38
CA TYR E 177 -11.18 12.14 31.96
C TYR E 177 -11.92 11.12 31.12
N ARG E 178 -11.18 10.43 30.26
CA ARG E 178 -11.72 9.37 29.42
C ARG E 178 -10.98 8.07 29.70
N ALA E 179 -11.72 7.04 30.08
CA ALA E 179 -11.17 5.70 30.12
C ALA E 179 -11.05 5.15 28.70
N HIS E 180 -10.19 4.15 28.54
CA HIS E 180 -9.95 3.56 27.23
C HIS E 180 -11.23 2.91 26.70
N ALA E 181 -11.60 3.28 25.47
CA ALA E 181 -12.81 2.76 24.86
C ALA E 181 -12.53 1.43 24.18
N ARG E 182 -13.22 0.39 24.61
CA ARG E 182 -13.13 -0.95 24.02
C ARG E 182 -14.47 -1.29 23.38
N ALA E 183 -14.57 -2.50 22.84
CA ALA E 183 -15.73 -2.91 22.07
C ALA E 183 -16.96 -3.04 22.97
N GLY E 184 -18.14 -2.97 22.35
CA GLY E 184 -19.39 -3.15 23.06
C GLY E 184 -19.73 -2.04 24.04
N TYR E 185 -19.94 -2.43 25.31
CA TYR E 185 -20.40 -1.52 26.35
C TYR E 185 -19.46 -0.33 26.55
N PHE E 186 -18.21 -0.44 26.13
CA PHE E 186 -17.20 0.57 26.39
C PHE E 186 -17.10 1.64 25.29
N ASP E 187 -17.97 1.59 24.29
CA ASP E 187 -17.99 2.60 23.24
C ASP E 187 -18.43 3.98 23.74
N TYR E 188 -18.88 4.08 25.00
CA TYR E 188 -19.30 5.35 25.57
C TYR E 188 -18.15 6.37 25.64
N TYR E 189 -16.90 5.91 25.63
CA TYR E 189 -15.73 6.77 25.78
C TYR E 189 -15.10 7.15 24.43
N THR E 190 -15.70 6.75 23.32
CA THR E 190 -15.11 7.01 22.01
C THR E 190 -14.92 8.51 21.78
N THR E 191 -13.75 8.86 21.26
CA THR E 191 -13.36 10.26 21.05
C THR E 191 -13.98 10.85 19.80
N GLY E 192 -14.01 10.11 18.70
CA GLY E 192 -14.55 10.60 17.46
C GLY E 192 -13.97 9.86 16.28
N ILE E 193 -14.18 10.43 15.10
CA ILE E 193 -13.73 9.85 13.84
C ILE E 193 -13.02 10.92 13.05
N ILE E 194 -11.82 10.62 12.57
CA ILE E 194 -11.03 11.53 11.75
C ILE E 194 -11.08 11.04 10.31
N THR E 195 -11.75 11.81 9.45
CA THR E 195 -11.91 11.47 8.05
C THR E 195 -11.20 12.48 7.17
N ILE E 196 -10.49 11.97 6.16
CA ILE E 196 -9.83 12.79 5.15
C ILE E 196 -10.59 12.62 3.84
N TRP E 197 -10.85 13.72 3.16
CA TRP E 197 -11.68 13.73 1.97
C TRP E 197 -10.99 14.45 0.82
N TYR E 198 -11.29 14.01 -0.39
CA TYR E 198 -10.84 14.70 -1.59
C TYR E 198 -11.69 15.95 -1.80
N GLN E 199 -11.03 17.11 -1.82
CA GLN E 199 -11.73 18.39 -1.97
C GLN E 199 -11.86 18.78 -3.44
N THR E 200 -10.74 19.01 -4.11
CA THR E 200 -10.75 19.31 -5.54
C THR E 200 -10.32 18.10 -6.36
N ASN E 201 -9.03 17.79 -6.42
CA ASN E 201 -8.50 16.71 -7.22
C ASN E 201 -6.99 16.65 -7.04
N TYR E 202 -6.36 15.60 -7.57
CA TYR E 202 -4.90 15.49 -7.60
C TYR E 202 -4.47 15.86 -9.03
N VAL E 203 -3.84 17.01 -9.16
CA VAL E 203 -3.42 17.53 -10.47
C VAL E 203 -1.92 17.34 -10.62
N VAL E 204 -1.51 16.76 -11.74
CA VAL E 204 -0.10 16.48 -11.98
C VAL E 204 0.23 16.86 -13.43
N PRO E 205 1.41 17.43 -13.68
CA PRO E 205 1.82 17.73 -15.06
C PRO E 205 2.18 16.45 -15.80
N ILE E 206 2.68 16.63 -17.03
CA ILE E 206 3.17 15.51 -17.83
C ILE E 206 4.63 15.29 -17.50
N GLY E 207 5.00 14.05 -17.21
CA GLY E 207 6.35 13.69 -16.84
C GLY E 207 6.54 13.39 -15.37
N ALA E 208 5.51 13.56 -14.54
CA ALA E 208 5.59 13.28 -13.12
C ALA E 208 4.62 12.18 -12.74
N PRO E 209 4.94 11.37 -11.73
CA PRO E 209 4.06 10.28 -11.34
C PRO E 209 2.70 10.78 -10.89
N THR E 210 1.67 9.98 -11.17
CA THR E 210 0.29 10.32 -10.82
C THR E 210 -0.16 9.72 -9.51
N THR E 211 0.71 9.00 -8.81
CA THR E 211 0.38 8.36 -7.54
C THR E 211 1.37 8.82 -6.48
N ALA E 212 0.87 9.38 -5.39
CA ALA E 212 1.69 9.90 -4.31
C ALA E 212 1.30 9.23 -3.00
N TYR E 213 2.19 9.32 -2.02
CA TYR E 213 1.97 8.75 -0.69
C TYR E 213 2.01 9.87 0.34
N ILE E 214 1.16 9.75 1.36
CA ILE E 214 1.05 10.73 2.42
C ILE E 214 1.38 10.06 3.74
N VAL E 215 2.33 10.63 4.47
CA VAL E 215 2.74 10.11 5.77
C VAL E 215 1.97 10.86 6.85
N ALA E 216 1.42 10.12 7.80
CA ALA E 216 0.62 10.70 8.89
C ALA E 216 1.42 10.65 10.18
N LEU E 217 1.47 11.77 10.90
CA LEU E 217 2.14 11.87 12.18
C LEU E 217 1.12 12.18 13.27
N ALA E 218 1.45 11.77 14.49
CA ALA E 218 0.54 11.96 15.63
C ALA E 218 1.35 12.20 16.89
N ALA E 219 0.84 13.08 17.75
CA ALA E 219 1.48 13.42 19.00
C ALA E 219 0.43 14.05 19.92
N ALA E 220 0.88 14.55 21.07
CA ALA E 220 0.02 15.18 22.05
C ALA E 220 0.38 16.66 22.19
N GLN E 221 -0.34 17.34 23.07
CA GLN E 221 -0.14 18.75 23.33
C GLN E 221 0.22 18.96 24.80
N ASP E 222 0.37 20.23 25.20
CA ASP E 222 0.78 20.55 26.56
C ASP E 222 -0.32 20.27 27.57
N ASN E 223 -1.57 20.25 27.14
CA ASN E 223 -2.70 19.98 28.03
C ASN E 223 -2.98 18.49 28.19
N PHE E 224 -2.18 17.62 27.56
CA PHE E 224 -2.40 16.19 27.63
C PHE E 224 -1.94 15.65 28.98
N THR E 225 -2.83 14.92 29.65
CA THR E 225 -2.57 14.41 30.99
C THR E 225 -3.13 13.01 31.13
N MET E 226 -2.37 12.14 31.80
CA MET E 226 -2.76 10.75 32.01
C MET E 226 -2.64 10.41 33.49
N LYS E 227 -3.23 9.28 33.86
CA LYS E 227 -3.24 8.85 35.26
C LYS E 227 -3.59 7.37 35.33
N LEU E 228 -3.57 6.83 36.55
CA LEU E 228 -3.99 5.47 36.86
C LEU E 228 -3.21 4.44 36.03
N CYS E 229 -1.96 4.24 36.44
CA CYS E 229 -1.10 3.28 35.78
C CYS E 229 -1.66 1.87 35.86
N LYS E 230 -1.40 1.07 34.83
CA LYS E 230 -1.87 -0.31 34.76
C LYS E 230 -0.98 -1.09 33.81
N ASP E 231 -1.25 -2.38 33.68
CA ASP E 231 -0.56 -3.26 32.74
C ASP E 231 -1.16 -3.12 31.35
N THR E 232 -0.32 -3.34 30.34
CA THR E 232 -0.78 -3.32 28.95
C THR E 232 -0.88 -4.73 28.39
N GLU E 233 -1.35 -4.82 27.15
CA GLU E 233 -1.50 -6.08 26.44
C GLU E 233 -0.31 -6.39 25.51
N ASP E 234 0.67 -5.49 25.43
CA ASP E 234 1.66 -5.53 24.38
C ASP E 234 2.89 -6.38 24.72
N ILE E 235 2.89 -7.03 25.87
CA ILE E 235 3.98 -7.94 26.23
C ILE E 235 3.36 -9.20 26.82
N GLU E 236 3.87 -10.35 26.39
CA GLU E 236 3.29 -11.63 26.77
C GLU E 236 4.41 -12.65 26.96
N GLN E 237 4.24 -13.50 27.96
CA GLN E 237 5.13 -14.65 28.17
C GLN E 237 4.31 -15.93 27.96
N THR E 238 4.59 -16.62 26.86
CA THR E 238 4.11 -17.98 26.68
C THR E 238 5.16 -19.01 27.04
N ALA E 239 6.37 -18.57 27.36
CA ALA E 239 7.47 -19.46 27.73
C ALA E 239 8.51 -18.66 28.50
N ASN E 240 9.38 -19.38 29.19
CA ASN E 240 10.47 -18.75 29.93
C ASN E 240 11.46 -18.11 28.98
N ILE E 241 12.22 -17.15 29.51
CA ILE E 241 13.24 -16.44 28.74
C ILE E 241 14.56 -17.15 28.98
N GLN E 242 15.11 -17.76 27.91
CA GLN E 242 16.35 -18.51 28.02
C GLN E 242 17.56 -17.58 28.00
C1 SPH F . 22.30 -7.08 33.72
O1 SPH F . 22.61 -6.78 32.38
C2 SPH F . 21.68 -5.85 34.38
N2 SPH F . 21.41 -4.85 33.36
C3 SPH F . 20.39 -6.21 35.10
O3 SPH F . 20.42 -7.59 35.43
C4 SPH F . 20.29 -5.42 36.38
C5 SPH F . 21.52 -5.05 37.10
C6 SPH F . 21.47 -4.75 38.58
C7 SPH F . 20.17 -4.02 38.91
C8 SPH F . 19.90 -4.06 40.42
C9 SPH F . 19.83 -5.50 40.93
C10 SPH F . 20.69 -5.66 42.18
C11 SPH F . 20.74 -7.11 42.66
C12 SPH F . 21.73 -7.26 43.80
C13 SPH F . 21.37 -8.44 44.71
C14 SPH F . 21.38 -8.02 46.18
C15 SPH F . 20.89 -9.14 47.08
C16 SPH F . 20.87 -8.68 48.54
C17 SPH F . 20.91 -9.88 49.49
C18 SPH F . 21.13 -9.43 50.93
#